data_3S86
#
_entry.id   3S86
#
_cell.length_a   72.400
_cell.length_b   75.990
_cell.length_c   157.940
_cell.angle_alpha   90.000
_cell.angle_beta   90.000
_cell.angle_gamma   90.000
#
_symmetry.space_group_name_H-M   'P 21 21 21'
#
loop_
_entity.id
_entity.type
_entity.pdbx_description
1 polymer Nucleoside-triphosphatase
2 non-polymer 'INOSINIC ACID'
3 non-polymer 'SULFATE ION'
4 water water
#
_entity_poly.entity_id   1
_entity_poly.type   'polypeptide(L)'
_entity_poly.pdbx_seq_one_letter_code
;MGSDKIHHHHHHMKKLTVYLATTNPHKVEEIKMIAPEWMEILPSPEKIEVVEDGETFLENSVKKAVVYGKKLKHPVMADD
SGLVIYSLGGFPGVMSARFMEEHSYKEKMRTILKMLEGKDRRAAFVCSATFFDPVENTLISVEDRVEGRIANEIRGTGGF
GYDPFFIPDGYDKTFGEIPHLKEKISHRSKAFRKLFSVLEKILESENR
;
_entity_poly.pdbx_strand_id   A,B,C,D
#
# COMPACT_ATOMS: atom_id res chain seq x y z
N LYS A 15 -25.02 21.13 -14.84
CA LYS A 15 -24.16 21.92 -13.90
C LYS A 15 -22.88 21.15 -13.40
N LEU A 16 -23.02 19.99 -12.75
CA LEU A 16 -21.84 19.13 -12.42
C LEU A 16 -21.65 17.96 -13.39
N THR A 17 -20.47 17.89 -14.00
CA THR A 17 -20.08 16.81 -14.91
C THR A 17 -18.96 15.88 -14.38
N VAL A 18 -19.12 14.58 -14.60
CA VAL A 18 -18.29 13.61 -13.90
C VAL A 18 -18.05 12.46 -14.84
N TYR A 19 -16.84 11.89 -14.78
CA TYR A 19 -16.60 10.66 -15.46
C TYR A 19 -16.79 9.59 -14.40
N LEU A 20 -17.37 8.46 -14.85
CA LEU A 20 -17.54 7.28 -14.00
C LEU A 20 -16.33 6.38 -14.06
N ALA A 21 -15.78 6.04 -12.90
CA ALA A 21 -14.56 5.26 -12.91
C ALA A 21 -14.82 3.79 -12.99
N THR A 22 -15.36 3.25 -14.06
CA THR A 22 -15.78 1.85 -13.94
C THR A 22 -15.84 1.08 -15.22
N THR A 23 -15.44 -0.19 -15.13
CA THR A 23 -15.44 -1.13 -16.25
C THR A 23 -16.80 -1.80 -16.39
N ASN A 24 -17.55 -1.84 -15.30
CA ASN A 24 -18.79 -2.58 -15.24
C ASN A 24 -19.92 -1.84 -15.94
N PRO A 25 -20.44 -2.41 -17.05
CA PRO A 25 -21.50 -1.74 -17.83
C PRO A 25 -22.87 -1.71 -17.11
N HIS A 26 -23.20 -2.77 -16.35
CA HIS A 26 -24.45 -2.83 -15.54
C HIS A 26 -24.47 -1.73 -14.49
N LYS A 27 -23.27 -1.41 -13.99
CA LYS A 27 -23.10 -0.28 -13.08
C LYS A 27 -23.31 1.08 -13.78
N VAL A 28 -22.74 1.25 -14.98
CA VAL A 28 -22.96 2.48 -15.75
C VAL A 28 -24.47 2.65 -15.78
N GLU A 29 -25.13 1.57 -16.24
CA GLU A 29 -26.58 1.54 -16.43
C GLU A 29 -27.35 2.03 -15.20
N GLU A 30 -27.20 1.33 -14.08
CA GLU A 30 -27.92 1.69 -12.84
C GLU A 30 -27.72 3.15 -12.42
N ILE A 31 -26.50 3.65 -12.57
CA ILE A 31 -26.19 4.98 -12.06
C ILE A 31 -26.77 6.09 -12.94
N LYS A 32 -26.61 6.01 -14.25
CA LYS A 32 -27.21 7.11 -15.02
C LYS A 32 -28.73 7.15 -14.71
N MET A 33 -29.41 5.99 -14.66
CA MET A 33 -30.89 6.05 -14.50
C MET A 33 -31.46 6.64 -13.20
N ILE A 34 -30.60 6.94 -12.24
CA ILE A 34 -31.06 7.58 -10.99
C ILE A 34 -30.37 8.91 -10.77
N ALA A 35 -29.64 9.38 -11.78
CA ALA A 35 -28.94 10.66 -11.65
C ALA A 35 -29.93 11.80 -11.86
N PRO A 36 -29.93 12.82 -10.98
CA PRO A 36 -30.69 14.05 -11.24
C PRO A 36 -30.23 14.75 -12.55
N GLU A 37 -30.98 15.76 -12.98
CA GLU A 37 -30.78 16.38 -14.31
C GLU A 37 -29.53 17.26 -14.30
N TRP A 38 -29.31 17.92 -13.15
CA TRP A 38 -28.06 18.63 -12.85
C TRP A 38 -26.75 17.81 -12.85
N MET A 39 -26.84 16.47 -12.82
CA MET A 39 -25.67 15.58 -12.95
C MET A 39 -25.52 15.15 -14.38
N GLU A 40 -24.35 15.36 -14.96
CA GLU A 40 -24.09 14.70 -16.19
C GLU A 40 -23.09 13.61 -15.83
N ILE A 41 -23.37 12.39 -16.27
CA ILE A 41 -22.50 11.30 -15.93
C ILE A 41 -21.92 10.68 -17.18
N LEU A 42 -20.61 10.83 -17.38
CA LEU A 42 -19.97 10.43 -18.62
C LEU A 42 -19.16 9.13 -18.40
N PRO A 43 -19.07 8.27 -19.44
CA PRO A 43 -18.19 7.07 -19.35
C PRO A 43 -16.72 7.51 -19.41
N SER A 44 -15.85 6.81 -18.70
CA SER A 44 -14.49 7.26 -18.65
C SER A 44 -13.96 7.18 -20.09
N PRO A 45 -13.17 8.16 -20.53
CA PRO A 45 -12.55 8.01 -21.86
C PRO A 45 -11.56 6.83 -21.95
N GLU A 46 -11.08 6.34 -20.79
CA GLU A 46 -10.14 5.21 -20.81
C GLU A 46 -10.22 4.24 -19.61
N LYS A 47 -9.83 3.01 -19.91
CA LYS A 47 -9.80 1.92 -18.98
C LYS A 47 -8.48 2.09 -18.27
N ILE A 48 -8.52 2.10 -16.93
CA ILE A 48 -7.36 2.32 -16.07
C ILE A 48 -7.37 1.24 -15.01
N GLU A 49 -6.27 0.51 -14.98
CA GLU A 49 -6.00 -0.60 -14.07
C GLU A 49 -5.96 -0.03 -12.66
N VAL A 50 -6.74 -0.63 -11.77
CA VAL A 50 -6.66 -0.18 -10.38
C VAL A 50 -6.34 -1.36 -9.47
N VAL A 51 -5.33 -1.22 -8.63
CA VAL A 51 -5.16 -2.28 -7.62
C VAL A 51 -6.22 -2.27 -6.50
N GLU A 52 -7.08 -3.28 -6.45
CA GLU A 52 -8.23 -3.32 -5.52
C GLU A 52 -7.94 -4.16 -4.28
N ASP A 53 -7.02 -3.64 -3.48
CA ASP A 53 -6.40 -4.36 -2.35
C ASP A 53 -6.87 -3.80 -0.99
N GLY A 54 -8.02 -3.14 -1.04
CA GLY A 54 -8.62 -2.60 0.15
C GLY A 54 -9.25 -3.71 0.94
N GLU A 55 -9.37 -3.44 2.23
CA GLU A 55 -10.03 -4.32 3.17
C GLU A 55 -11.57 -4.14 3.06
N THR A 56 -12.04 -2.94 2.75
CA THR A 56 -13.47 -2.60 2.76
C THR A 56 -13.89 -2.00 1.40
N PHE A 57 -15.20 -1.91 1.19
CA PHE A 57 -15.76 -1.29 0.01
C PHE A 57 -15.35 0.16 -0.03
N LEU A 58 -15.25 0.81 1.12
CA LEU A 58 -14.91 2.19 1.15
C LEU A 58 -13.49 2.39 0.61
N GLU A 59 -12.55 1.58 1.10
CA GLU A 59 -11.15 1.68 0.70
C GLU A 59 -10.96 1.49 -0.79
N ASN A 60 -11.61 0.46 -1.33
CA ASN A 60 -11.54 0.20 -2.77
C ASN A 60 -12.19 1.27 -3.63
N SER A 61 -13.29 1.83 -3.13
CA SER A 61 -14.07 2.86 -3.84
C SER A 61 -13.21 4.14 -3.90
N VAL A 62 -12.62 4.48 -2.79
CA VAL A 62 -11.77 5.64 -2.76
C VAL A 62 -10.56 5.46 -3.68
N LYS A 63 -9.98 4.25 -3.68
CA LYS A 63 -8.81 4.02 -4.44
C LYS A 63 -9.10 4.11 -5.99
N LYS A 64 -10.26 3.64 -6.42
CA LYS A 64 -10.66 3.79 -7.81
C LYS A 64 -10.87 5.25 -8.13
N ALA A 65 -11.58 5.98 -7.28
CA ALA A 65 -11.85 7.40 -7.50
C ALA A 65 -10.53 8.17 -7.60
N VAL A 66 -9.63 7.94 -6.69
CA VAL A 66 -8.32 8.64 -6.70
C VAL A 66 -7.49 8.26 -7.91
N VAL A 67 -7.32 6.98 -8.21
CA VAL A 67 -6.46 6.66 -9.39
C VAL A 67 -7.08 7.28 -10.63
N TYR A 68 -8.40 7.23 -10.77
CA TYR A 68 -9.02 7.66 -12.05
C TYR A 68 -8.96 9.17 -12.13
N GLY A 69 -9.26 9.80 -11.01
CA GLY A 69 -9.20 11.26 -10.89
C GLY A 69 -7.85 11.84 -11.26
N LYS A 70 -6.77 11.36 -10.61
CA LYS A 70 -5.39 11.79 -10.90
C LYS A 70 -4.97 11.68 -12.36
N LYS A 71 -5.42 10.66 -13.06
CA LYS A 71 -5.06 10.51 -14.46
C LYS A 71 -5.90 11.34 -15.37
N LEU A 72 -7.22 11.34 -15.16
CA LEU A 72 -8.09 12.06 -16.09
C LEU A 72 -8.09 13.55 -15.82
N LYS A 73 -7.60 13.97 -14.66
CA LYS A 73 -7.58 15.38 -14.27
C LYS A 73 -8.93 16.09 -14.48
N HIS A 74 -9.98 15.35 -14.10
CA HIS A 74 -11.36 15.85 -14.11
C HIS A 74 -12.11 15.14 -12.99
N PRO A 75 -13.10 15.80 -12.38
CA PRO A 75 -13.98 15.17 -11.36
C PRO A 75 -14.50 13.77 -11.78
N VAL A 76 -14.50 12.81 -10.87
CA VAL A 76 -14.88 11.43 -11.25
C VAL A 76 -15.72 10.90 -10.12
N MET A 77 -16.44 9.83 -10.41
CA MET A 77 -17.13 9.07 -9.39
C MET A 77 -16.82 7.58 -9.54
N ALA A 78 -16.73 6.89 -8.39
CA ALA A 78 -16.44 5.48 -8.37
C ALA A 78 -17.48 4.68 -7.54
N ASP A 79 -17.67 3.41 -7.89
CA ASP A 79 -18.52 2.49 -7.09
C ASP A 79 -17.63 1.33 -6.67
N ASP A 80 -17.61 1.00 -5.38
CA ASP A 80 -17.23 -0.39 -4.99
C ASP A 80 -18.31 -1.09 -4.13
N SER A 81 -18.60 -2.33 -4.50
CA SER A 81 -19.79 -3.01 -4.13
C SER A 81 -19.61 -4.51 -3.96
N GLY A 82 -20.42 -5.12 -3.10
CA GLY A 82 -20.58 -6.58 -3.17
C GLY A 82 -21.59 -7.18 -2.19
N LEU A 83 -21.57 -8.51 -2.11
CA LEU A 83 -22.56 -9.29 -1.34
C LEU A 83 -21.90 -9.64 -0.02
N VAL A 84 -22.64 -9.40 1.04
CA VAL A 84 -22.20 -9.65 2.43
C VAL A 84 -23.19 -10.67 3.01
N ILE A 85 -22.72 -11.88 3.29
CA ILE A 85 -23.56 -12.84 3.98
C ILE A 85 -23.20 -13.02 5.49
N TYR A 86 -24.09 -12.63 6.38
CA TYR A 86 -23.65 -12.58 7.79
C TYR A 86 -23.20 -13.89 8.43
N SER A 87 -23.84 -14.99 8.08
CA SER A 87 -23.45 -16.26 8.66
C SER A 87 -22.15 -16.78 8.04
N LEU A 88 -21.68 -16.19 6.93
CA LEU A 88 -20.38 -16.60 6.36
C LEU A 88 -19.24 -15.59 6.66
N GLY A 89 -19.42 -14.76 7.70
CA GLY A 89 -18.42 -13.78 8.16
C GLY A 89 -18.35 -12.57 7.26
N GLY A 90 -19.44 -12.32 6.53
CA GLY A 90 -19.42 -11.23 5.55
C GLY A 90 -18.97 -11.68 4.17
N PHE A 91 -18.65 -12.95 3.97
CA PHE A 91 -18.28 -13.48 2.65
C PHE A 91 -19.46 -13.29 1.63
N PRO A 92 -19.18 -13.13 0.30
CA PRO A 92 -17.85 -12.93 -0.30
C PRO A 92 -17.27 -11.48 -0.07
N GLY A 93 -18.10 -10.49 0.31
CA GLY A 93 -17.61 -9.14 0.58
C GLY A 93 -16.77 -8.57 -0.59
N VAL A 94 -15.58 -8.06 -0.31
CA VAL A 94 -14.72 -7.44 -1.36
C VAL A 94 -14.24 -8.48 -2.37
N MET A 95 -14.36 -9.76 -2.02
CA MET A 95 -14.05 -10.86 -2.92
C MET A 95 -15.22 -11.27 -3.81
N SER A 96 -16.27 -10.46 -3.81
CA SER A 96 -17.49 -10.79 -4.55
C SER A 96 -17.34 -11.20 -6.03
N ALA A 97 -16.54 -10.44 -6.76
CA ALA A 97 -16.14 -10.74 -8.15
C ALA A 97 -15.07 -11.79 -8.26
N ARG A 98 -14.02 -11.63 -7.46
CA ARG A 98 -12.84 -12.51 -7.45
C ARG A 98 -13.11 -13.96 -7.05
N PHE A 99 -14.02 -14.17 -6.10
CA PHE A 99 -14.45 -15.52 -5.77
C PHE A 99 -14.87 -16.34 -6.98
N MET A 100 -14.20 -17.50 -7.15
CA MET A 100 -14.42 -18.38 -8.28
C MET A 100 -14.65 -17.54 -9.56
N GLU A 101 -13.77 -16.59 -9.87
CA GLU A 101 -14.04 -15.65 -11.00
C GLU A 101 -14.01 -16.27 -12.41
N GLU A 102 -13.41 -17.44 -12.56
CA GLU A 102 -13.42 -18.13 -13.88
C GLU A 102 -14.77 -18.73 -14.14
N HIS A 103 -15.63 -18.79 -13.09
CA HIS A 103 -16.91 -19.55 -13.18
C HIS A 103 -18.08 -18.65 -13.46
N SER A 104 -19.22 -19.21 -13.85
CA SER A 104 -20.42 -18.36 -14.02
C SER A 104 -20.98 -17.94 -12.65
N TYR A 105 -21.71 -16.84 -12.66
CA TYR A 105 -22.43 -16.43 -11.50
C TYR A 105 -23.36 -17.54 -11.04
N LYS A 106 -23.85 -18.33 -12.00
CA LYS A 106 -24.69 -19.46 -11.62
C LYS A 106 -23.94 -20.54 -10.82
N GLU A 107 -22.71 -20.89 -11.21
CA GLU A 107 -21.93 -21.81 -10.36
C GLU A 107 -21.62 -21.16 -9.03
N LYS A 108 -21.31 -19.86 -9.03
CA LYS A 108 -20.98 -19.18 -7.80
C LYS A 108 -22.16 -19.25 -6.89
N MET A 109 -23.33 -18.90 -7.38
CA MET A 109 -24.49 -18.94 -6.55
C MET A 109 -24.82 -20.34 -6.04
N ARG A 110 -24.69 -21.37 -6.88
CA ARG A 110 -24.92 -22.77 -6.43
C ARG A 110 -24.00 -23.19 -5.31
N THR A 111 -22.75 -22.78 -5.42
CA THR A 111 -21.75 -23.08 -4.42
C THR A 111 -22.08 -22.42 -3.09
N ILE A 112 -22.48 -21.16 -3.14
CA ILE A 112 -22.81 -20.45 -1.93
C ILE A 112 -24.10 -21.03 -1.34
N LEU A 113 -25.06 -21.42 -2.18
CA LEU A 113 -26.23 -22.19 -1.62
C LEU A 113 -25.83 -23.41 -0.77
N LYS A 114 -24.83 -24.16 -1.23
CA LYS A 114 -24.31 -25.30 -0.50
C LYS A 114 -23.71 -24.83 0.84
N MET A 115 -22.99 -23.69 0.80
CA MET A 115 -22.43 -23.09 1.97
C MET A 115 -23.44 -22.76 2.98
N LEU A 116 -24.62 -22.32 2.54
CA LEU A 116 -25.61 -21.87 3.44
C LEU A 116 -26.63 -22.87 3.95
N GLU A 117 -26.56 -24.13 3.55
CA GLU A 117 -27.56 -25.14 4.05
C GLU A 117 -27.45 -25.25 5.58
N GLY A 118 -28.58 -25.14 6.26
CA GLY A 118 -28.54 -25.18 7.73
C GLY A 118 -28.14 -23.87 8.39
N LYS A 119 -27.89 -22.81 7.60
CA LYS A 119 -27.36 -21.52 8.15
C LYS A 119 -28.37 -20.35 8.03
N ASP A 120 -28.33 -19.38 8.92
CA ASP A 120 -29.04 -18.10 8.79
C ASP A 120 -28.68 -17.48 7.41
N ARG A 121 -29.69 -17.03 6.70
CA ARG A 121 -29.51 -16.66 5.28
C ARG A 121 -29.52 -15.13 5.18
N ARG A 122 -29.50 -14.43 6.31
CA ARG A 122 -29.50 -12.96 6.30
C ARG A 122 -28.30 -12.44 5.50
N ALA A 123 -28.52 -11.35 4.78
CA ALA A 123 -27.46 -10.81 3.91
C ALA A 123 -27.72 -9.41 3.44
N ALA A 124 -26.72 -8.80 2.81
CA ALA A 124 -26.85 -7.43 2.33
C ALA A 124 -26.01 -7.24 1.11
N PHE A 125 -26.45 -6.35 0.21
CA PHE A 125 -25.53 -5.82 -0.83
C PHE A 125 -25.14 -4.49 -0.25
N VAL A 126 -23.85 -4.16 -0.32
CA VAL A 126 -23.31 -2.93 0.25
C VAL A 126 -22.68 -2.17 -0.94
N CYS A 127 -22.80 -0.86 -0.96
CA CYS A 127 -22.18 -0.07 -2.02
C CYS A 127 -21.51 1.17 -1.46
N SER A 128 -20.24 1.38 -1.78
CA SER A 128 -19.56 2.63 -1.37
C SER A 128 -19.41 3.57 -2.61
N ALA A 129 -20.03 4.73 -2.55
CA ALA A 129 -20.09 5.64 -3.70
C ALA A 129 -19.16 6.81 -3.44
N THR A 130 -18.24 7.12 -4.39
CA THR A 130 -17.14 8.11 -4.10
C THR A 130 -17.08 9.18 -5.16
N PHE A 131 -17.05 10.44 -4.74
CA PHE A 131 -16.76 11.56 -5.60
C PHE A 131 -15.35 12.12 -5.33
N PHE A 132 -14.61 12.34 -6.42
CA PHE A 132 -13.27 12.98 -6.30
C PHE A 132 -13.07 14.06 -7.37
N ASP A 133 -12.82 15.27 -6.92
CA ASP A 133 -12.34 16.34 -7.78
C ASP A 133 -10.84 16.49 -7.52
N PRO A 134 -9.99 16.03 -8.45
CA PRO A 134 -8.54 16.15 -8.45
C PRO A 134 -8.07 17.59 -8.80
N VAL A 135 -8.94 18.52 -9.23
CA VAL A 135 -8.50 19.94 -9.40
C VAL A 135 -8.58 20.64 -8.03
N GLU A 136 -9.68 20.42 -7.31
CA GLU A 136 -9.92 21.04 -6.00
C GLU A 136 -9.31 20.28 -4.84
N ASN A 137 -9.01 19.01 -5.08
CA ASN A 137 -8.68 18.08 -3.99
C ASN A 137 -9.79 17.92 -2.94
N THR A 138 -10.99 17.77 -3.47
CA THR A 138 -12.19 17.42 -2.71
C THR A 138 -12.55 15.95 -2.98
N LEU A 139 -12.71 15.20 -1.91
CA LEU A 139 -13.14 13.80 -2.05
C LEU A 139 -14.33 13.58 -1.14
N ILE A 140 -15.40 13.00 -1.68
CA ILE A 140 -16.58 12.63 -0.84
C ILE A 140 -16.90 11.17 -1.02
N SER A 141 -16.96 10.43 0.08
CA SER A 141 -17.39 9.03 -0.01
C SER A 141 -18.55 8.76 0.96
N VAL A 142 -19.61 8.13 0.44
CA VAL A 142 -20.76 7.68 1.29
C VAL A 142 -21.08 6.22 0.97
N GLU A 143 -21.66 5.53 1.95
CA GLU A 143 -21.96 4.12 1.86
C GLU A 143 -23.40 3.85 2.17
N ASP A 144 -24.02 2.92 1.46
CA ASP A 144 -25.33 2.52 1.91
C ASP A 144 -25.53 1.01 1.64
N ARG A 145 -26.63 0.45 2.12
CA ARG A 145 -26.92 -0.97 1.86
C ARG A 145 -28.37 -1.37 1.62
N VAL A 146 -28.56 -2.51 0.96
CA VAL A 146 -29.89 -3.12 1.01
C VAL A 146 -29.88 -4.46 1.71
N GLU A 147 -30.66 -4.51 2.80
CA GLU A 147 -30.78 -5.71 3.64
C GLU A 147 -31.73 -6.71 3.03
N GLY A 148 -31.35 -8.00 3.07
CA GLY A 148 -32.23 -9.06 2.59
C GLY A 148 -31.80 -10.43 3.11
N ARG A 149 -31.91 -11.41 2.23
CA ARG A 149 -31.58 -12.80 2.53
C ARG A 149 -31.27 -13.50 1.23
N ILE A 150 -30.50 -14.58 1.31
CA ILE A 150 -30.30 -15.44 0.18
C ILE A 150 -31.54 -16.36 0.02
N ALA A 151 -31.98 -16.52 -1.25
CA ALA A 151 -33.13 -17.34 -1.65
C ALA A 151 -32.75 -18.80 -1.50
N ASN A 152 -33.74 -19.69 -1.41
CA ASN A 152 -33.44 -21.12 -1.32
C ASN A 152 -32.98 -21.63 -2.65
N GLU A 153 -33.20 -20.83 -3.70
CA GLU A 153 -32.89 -21.24 -5.04
C GLU A 153 -32.72 -20.05 -5.99
N ILE A 154 -31.88 -20.25 -6.99
CA ILE A 154 -31.65 -19.25 -8.01
C ILE A 154 -32.91 -19.09 -8.85
N ARG A 155 -33.35 -17.84 -9.01
CA ARG A 155 -34.53 -17.50 -9.82
C ARG A 155 -34.33 -16.24 -10.66
N GLY A 156 -34.68 -16.31 -11.96
CA GLY A 156 -34.84 -15.12 -12.76
C GLY A 156 -33.55 -14.71 -13.41
N THR A 157 -33.67 -13.85 -14.44
CA THR A 157 -32.50 -13.43 -15.24
C THR A 157 -32.16 -11.95 -15.25
N GLY A 158 -32.93 -11.14 -14.55
CA GLY A 158 -32.63 -9.73 -14.46
C GLY A 158 -31.37 -9.41 -13.66
N GLY A 159 -31.07 -8.12 -13.55
CA GLY A 159 -29.82 -7.56 -13.06
C GLY A 159 -28.55 -8.26 -13.51
N PHE A 160 -27.69 -8.54 -12.54
CA PHE A 160 -26.39 -9.12 -12.83
C PHE A 160 -25.84 -9.74 -11.56
N GLY A 161 -24.77 -10.52 -11.72
CA GLY A 161 -24.05 -11.08 -10.58
C GLY A 161 -24.93 -11.94 -9.71
N TYR A 162 -25.02 -11.58 -8.44
CA TYR A 162 -25.73 -12.43 -7.44
C TYR A 162 -27.19 -12.09 -7.31
N ASP A 163 -27.70 -11.21 -8.14
CA ASP A 163 -29.10 -10.76 -8.03
C ASP A 163 -30.09 -11.91 -8.15
N PRO A 164 -29.83 -12.89 -9.03
CA PRO A 164 -30.73 -14.06 -9.07
C PRO A 164 -30.99 -14.84 -7.76
N PHE A 165 -30.18 -14.63 -6.69
CA PHE A 165 -30.50 -15.32 -5.40
C PHE A 165 -30.58 -14.40 -4.20
N PHE A 166 -30.81 -13.11 -4.44
CA PHE A 166 -30.92 -12.20 -3.35
C PHE A 166 -32.33 -11.65 -3.23
N ILE A 167 -32.91 -11.66 -2.03
CA ILE A 167 -34.25 -11.16 -1.82
C ILE A 167 -34.25 -10.05 -0.81
N PRO A 168 -34.65 -8.84 -1.26
CA PRO A 168 -34.65 -7.75 -0.36
C PRO A 168 -35.77 -7.89 0.63
N ASP A 169 -35.52 -7.31 1.82
CA ASP A 169 -36.47 -7.35 2.91
C ASP A 169 -37.71 -6.62 2.52
N GLY A 170 -38.86 -7.22 2.87
CA GLY A 170 -40.18 -6.75 2.51
C GLY A 170 -40.70 -7.33 1.18
N TYR A 171 -40.04 -8.38 0.66
CA TYR A 171 -40.34 -8.94 -0.66
C TYR A 171 -40.09 -10.43 -0.65
N ASP A 172 -40.58 -11.15 -1.67
CA ASP A 172 -40.32 -12.60 -1.73
C ASP A 172 -39.72 -12.98 -3.04
N LYS A 173 -39.41 -11.98 -3.83
CA LYS A 173 -38.76 -12.24 -5.09
C LYS A 173 -37.31 -11.75 -5.06
N THR A 174 -36.49 -12.32 -5.94
CA THR A 174 -35.10 -11.98 -6.03
C THR A 174 -34.95 -10.82 -7.00
N PHE A 175 -33.85 -10.07 -6.89
CA PHE A 175 -33.53 -9.04 -7.87
C PHE A 175 -33.46 -9.62 -9.29
N GLY A 176 -33.24 -10.93 -9.42
CA GLY A 176 -33.21 -11.54 -10.77
C GLY A 176 -34.60 -11.61 -11.40
N GLU A 177 -35.63 -11.45 -10.55
CA GLU A 177 -37.05 -11.61 -10.92
C GLU A 177 -37.73 -10.25 -11.00
N ILE A 178 -37.33 -9.32 -10.12
CA ILE A 178 -37.88 -7.95 -10.07
C ILE A 178 -36.73 -6.89 -10.16
N PRO A 179 -35.98 -6.93 -11.27
CA PRO A 179 -34.82 -6.04 -11.44
C PRO A 179 -35.16 -4.55 -11.37
N HIS A 180 -36.36 -4.18 -11.82
CA HIS A 180 -36.83 -2.78 -11.78
C HIS A 180 -36.77 -2.19 -10.38
N LEU A 181 -36.90 -3.07 -9.38
CA LEU A 181 -36.95 -2.68 -7.98
C LEU A 181 -35.61 -2.13 -7.50
N LYS A 182 -34.53 -2.53 -8.20
CA LYS A 182 -33.14 -2.06 -7.87
C LYS A 182 -32.99 -0.56 -7.90
N GLU A 183 -33.54 0.04 -8.97
CA GLU A 183 -33.61 1.48 -9.14
C GLU A 183 -34.22 2.15 -7.92
N LYS A 184 -35.15 1.47 -7.25
CA LYS A 184 -35.82 2.08 -6.13
C LYS A 184 -35.05 1.87 -4.82
N ILE A 185 -34.59 0.65 -4.57
CA ILE A 185 -34.16 0.36 -3.20
C ILE A 185 -32.80 -0.24 -3.03
N SER A 186 -32.13 -0.60 -4.11
CA SER A 186 -30.82 -1.27 -4.01
C SER A 186 -29.79 -0.39 -3.28
N HIS A 187 -28.67 -1.03 -2.89
CA HIS A 187 -27.52 -0.34 -2.26
C HIS A 187 -26.91 0.80 -3.13
N ARG A 188 -26.73 0.51 -4.42
CA ARG A 188 -26.14 1.42 -5.41
C ARG A 188 -27.07 2.61 -5.56
N SER A 189 -28.39 2.35 -5.71
CA SER A 189 -29.34 3.49 -5.83
C SER A 189 -29.29 4.40 -4.65
N LYS A 190 -29.27 3.83 -3.45
CA LYS A 190 -29.27 4.66 -2.25
C LYS A 190 -27.94 5.30 -1.95
N ALA A 191 -26.85 4.59 -2.20
CA ALA A 191 -25.52 5.19 -1.96
C ALA A 191 -25.28 6.41 -2.86
N PHE A 192 -25.58 6.28 -4.14
CA PHE A 192 -25.45 7.38 -5.07
C PHE A 192 -26.45 8.52 -4.90
N ARG A 193 -27.73 8.19 -4.57
CA ARG A 193 -28.68 9.26 -4.29
C ARG A 193 -28.21 10.01 -3.05
N LYS A 194 -27.56 9.32 -2.14
CA LYS A 194 -27.10 9.95 -0.90
C LYS A 194 -25.82 10.79 -1.23
N LEU A 195 -25.10 10.34 -2.28
CA LEU A 195 -23.92 11.08 -2.70
C LEU A 195 -24.33 12.34 -3.46
N PHE A 196 -25.28 12.20 -4.37
CA PHE A 196 -25.86 13.31 -5.09
C PHE A 196 -26.41 14.36 -4.09
N SER A 197 -27.07 13.88 -3.04
CA SER A 197 -27.68 14.75 -2.07
C SER A 197 -26.61 15.59 -1.41
N VAL A 198 -25.59 14.98 -0.84
CA VAL A 198 -24.45 15.77 -0.29
C VAL A 198 -23.88 16.82 -1.33
N LEU A 199 -23.65 16.35 -2.54
CA LEU A 199 -23.06 17.22 -3.54
C LEU A 199 -24.00 18.43 -3.76
N GLU A 200 -25.29 18.15 -3.97
CA GLU A 200 -26.37 19.15 -4.16
C GLU A 200 -26.30 20.22 -3.10
N LYS A 201 -26.16 19.80 -1.85
CA LYS A 201 -26.07 20.74 -0.73
C LYS A 201 -24.86 21.66 -0.82
N ILE A 202 -23.70 21.14 -1.23
CA ILE A 202 -22.44 21.92 -1.17
C ILE A 202 -22.14 22.72 -2.42
N LEU A 203 -23.15 23.43 -2.92
CA LEU A 203 -23.04 24.29 -4.11
C LEU A 203 -24.20 25.33 -4.19
N LYS B 15 22.10 -19.69 -19.94
CA LYS B 15 21.07 -20.28 -19.03
C LYS B 15 20.00 -19.22 -18.61
N LEU B 16 20.33 -18.39 -17.62
CA LEU B 16 19.34 -17.42 -17.03
C LEU B 16 19.16 -16.12 -17.83
N THR B 17 17.95 -15.92 -18.37
CA THR B 17 17.56 -14.70 -19.06
C THR B 17 16.63 -13.93 -18.13
N VAL B 18 16.92 -12.63 -17.93
CA VAL B 18 16.04 -11.77 -17.13
C VAL B 18 15.67 -10.52 -17.87
N TYR B 19 14.47 -10.00 -17.67
CA TYR B 19 14.17 -8.66 -18.14
C TYR B 19 14.45 -7.75 -16.97
N LEU B 20 14.87 -6.54 -17.28
CA LEU B 20 15.14 -5.54 -16.25
C LEU B 20 13.92 -4.67 -15.99
N ALA B 21 13.55 -4.55 -14.73
CA ALA B 21 12.33 -3.89 -14.40
C ALA B 21 12.64 -2.42 -14.21
N THR B 22 13.08 -1.78 -15.29
CA THR B 22 13.51 -0.41 -15.15
C THR B 22 13.07 0.44 -16.32
N THR B 23 12.91 1.73 -16.08
CA THR B 23 12.67 2.68 -17.15
C THR B 23 13.94 3.47 -17.47
N ASN B 24 15.04 3.18 -16.76
CA ASN B 24 16.28 3.98 -16.82
C ASN B 24 17.31 3.37 -17.78
N PRO B 25 17.48 3.99 -18.97
CA PRO B 25 18.44 3.36 -19.94
C PRO B 25 19.94 3.39 -19.54
N HIS B 26 20.32 4.30 -18.63
CA HIS B 26 21.68 4.26 -18.08
C HIS B 26 21.87 3.02 -17.18
N LYS B 27 20.81 2.67 -16.43
CA LYS B 27 20.87 1.50 -15.55
C LYS B 27 20.97 0.24 -16.37
N VAL B 28 20.24 0.21 -17.47
CA VAL B 28 20.26 -0.93 -18.40
C VAL B 28 21.68 -1.19 -18.89
N GLU B 29 22.39 -0.11 -19.28
CA GLU B 29 23.68 -0.27 -19.93
C GLU B 29 24.72 -0.61 -18.89
N GLU B 30 24.58 -0.03 -17.70
CA GLU B 30 25.44 -0.38 -16.57
C GLU B 30 25.25 -1.82 -16.09
N ILE B 31 24.01 -2.30 -16.05
CA ILE B 31 23.82 -3.73 -15.71
C ILE B 31 24.36 -4.70 -16.78
N LYS B 32 24.08 -4.41 -18.05
CA LYS B 32 24.58 -5.27 -19.16
C LYS B 32 26.12 -5.44 -19.12
N MET B 33 26.84 -4.36 -18.92
CA MET B 33 28.28 -4.44 -18.99
C MET B 33 28.96 -5.22 -17.85
N ILE B 34 28.28 -5.45 -16.74
CA ILE B 34 28.89 -6.27 -15.70
C ILE B 34 28.37 -7.72 -15.66
N ALA B 35 27.57 -8.10 -16.65
CA ALA B 35 26.79 -9.33 -16.59
C ALA B 35 27.64 -10.58 -16.82
N PRO B 36 27.41 -11.65 -16.02
CA PRO B 36 28.18 -12.87 -16.22
C PRO B 36 27.78 -13.57 -17.51
N GLU B 37 28.69 -14.44 -17.96
CA GLU B 37 28.68 -14.98 -19.32
C GLU B 37 27.38 -15.73 -19.58
N TRP B 38 26.88 -16.32 -18.49
CA TRP B 38 25.68 -17.15 -18.45
C TRP B 38 24.35 -16.44 -18.25
N MET B 39 24.36 -15.10 -18.25
CA MET B 39 23.14 -14.32 -18.08
C MET B 39 22.76 -13.68 -19.39
N GLU B 40 21.49 -13.55 -19.69
CA GLU B 40 21.15 -12.68 -20.80
C GLU B 40 20.22 -11.65 -20.17
N ILE B 41 20.56 -10.39 -20.37
CA ILE B 41 19.85 -9.29 -19.73
C ILE B 41 19.22 -8.42 -20.78
N LEU B 42 17.90 -8.38 -20.78
CA LEU B 42 17.13 -7.64 -21.74
C LEU B 42 16.30 -6.53 -21.05
N PRO B 43 16.05 -5.42 -21.75
CA PRO B 43 15.24 -4.43 -21.06
C PRO B 43 13.84 -4.99 -21.03
N SER B 44 12.98 -4.45 -20.17
CA SER B 44 11.61 -4.87 -20.15
C SER B 44 10.98 -4.68 -21.54
N PRO B 45 10.19 -5.66 -22.00
CA PRO B 45 9.59 -5.48 -23.31
C PRO B 45 8.42 -4.51 -23.26
N GLU B 46 7.93 -4.21 -22.06
CA GLU B 46 6.81 -3.29 -21.86
C GLU B 46 7.07 -2.30 -20.74
N LYS B 47 6.57 -1.10 -20.96
CA LYS B 47 6.58 -0.06 -19.98
C LYS B 47 5.49 -0.42 -18.99
N ILE B 48 5.87 -0.57 -17.72
CA ILE B 48 4.92 -0.83 -16.64
C ILE B 48 5.11 0.25 -15.55
N GLU B 49 3.99 0.77 -15.06
CA GLU B 49 3.98 1.82 -14.04
C GLU B 49 4.07 1.21 -12.67
N VAL B 50 4.96 1.73 -11.83
CA VAL B 50 5.08 1.28 -10.44
C VAL B 50 5.11 2.50 -9.55
N VAL B 51 4.24 2.53 -8.53
CA VAL B 51 4.34 3.64 -7.58
C VAL B 51 5.49 3.31 -6.66
N GLU B 52 6.54 4.11 -6.75
CA GLU B 52 7.74 3.96 -5.94
C GLU B 52 7.52 4.61 -4.58
N ASP B 53 6.69 3.99 -3.74
CA ASP B 53 6.32 4.61 -2.49
C ASP B 53 7.03 3.98 -1.27
N GLY B 54 8.16 3.32 -1.52
CA GLY B 54 8.85 2.62 -0.45
C GLY B 54 9.59 3.69 0.34
N GLU B 55 9.79 3.45 1.62
CA GLU B 55 10.65 4.40 2.27
C GLU B 55 12.10 3.96 2.21
N THR B 56 12.41 2.81 1.64
CA THR B 56 13.82 2.42 1.49
C THR B 56 14.07 1.94 0.10
N PHE B 57 15.34 1.87 -0.28
CA PHE B 57 15.67 1.33 -1.59
C PHE B 57 15.23 -0.13 -1.73
N LEU B 58 15.31 -0.89 -0.65
CA LEU B 58 15.07 -2.34 -0.68
C LEU B 58 13.59 -2.47 -1.04
N GLU B 59 12.74 -1.69 -0.38
CA GLU B 59 11.31 -1.77 -0.59
C GLU B 59 10.87 -1.39 -2.03
N ASN B 60 11.54 -0.42 -2.65
CA ASN B 60 11.20 -0.02 -3.99
C ASN B 60 11.71 -0.98 -5.01
N SER B 61 12.94 -1.46 -4.83
CA SER B 61 13.53 -2.48 -5.65
C SER B 61 12.67 -3.75 -5.64
N VAL B 62 12.30 -4.19 -4.46
CA VAL B 62 11.43 -5.38 -4.37
C VAL B 62 10.05 -5.15 -5.01
N LYS B 63 9.51 -3.94 -4.80
CA LYS B 63 8.22 -3.65 -5.44
C LYS B 63 8.36 -3.61 -6.97
N LYS B 64 9.43 -3.04 -7.52
CA LYS B 64 9.51 -3.03 -8.99
C LYS B 64 9.62 -4.48 -9.47
N ALA B 65 10.42 -5.29 -8.79
CA ALA B 65 10.69 -6.65 -9.28
C ALA B 65 9.37 -7.43 -9.28
N VAL B 66 8.66 -7.35 -8.18
CA VAL B 66 7.40 -8.08 -8.03
C VAL B 66 6.39 -7.66 -9.05
N VAL B 67 6.14 -6.36 -9.20
CA VAL B 67 5.12 -5.89 -10.13
C VAL B 67 5.50 -6.27 -11.58
N TYR B 68 6.77 -6.07 -11.96
CA TYR B 68 7.13 -6.40 -13.34
C TYR B 68 7.13 -7.92 -13.54
N GLY B 69 7.69 -8.68 -12.59
CA GLY B 69 7.69 -10.13 -12.67
C GLY B 69 6.26 -10.70 -12.88
N LYS B 70 5.32 -10.22 -12.11
CA LYS B 70 3.95 -10.72 -12.13
C LYS B 70 3.28 -10.44 -13.47
N LYS B 71 3.53 -9.28 -14.06
CA LYS B 71 2.89 -8.88 -15.26
C LYS B 71 3.58 -9.51 -16.46
N LEU B 72 4.90 -9.69 -16.39
CA LEU B 72 5.66 -10.28 -17.52
C LEU B 72 5.64 -11.80 -17.49
N LYS B 73 5.40 -12.39 -16.32
CA LYS B 73 5.38 -13.84 -16.13
C LYS B 73 6.70 -14.51 -16.44
N HIS B 74 7.80 -13.88 -16.03
CA HIS B 74 9.14 -14.26 -16.46
C HIS B 74 10.07 -13.69 -15.44
N PRO B 75 11.22 -14.36 -15.21
CA PRO B 75 12.16 -13.84 -14.23
C PRO B 75 12.56 -12.40 -14.56
N VAL B 76 12.77 -11.59 -13.54
CA VAL B 76 13.17 -10.18 -13.78
C VAL B 76 14.20 -9.77 -12.78
N MET B 77 14.90 -8.64 -13.04
CA MET B 77 15.73 -7.95 -12.00
C MET B 77 15.34 -6.49 -11.91
N ALA B 78 15.37 -5.94 -10.69
CA ALA B 78 15.13 -4.54 -10.50
C ALA B 78 16.29 -3.91 -9.76
N ASP B 79 16.39 -2.58 -9.84
CA ASP B 79 17.42 -1.78 -9.18
C ASP B 79 16.65 -0.62 -8.55
N ASP B 80 16.74 -0.46 -7.23
CA ASP B 80 16.49 0.85 -6.71
C ASP B 80 17.76 1.42 -6.09
N SER B 81 18.02 2.69 -6.38
CA SER B 81 19.32 3.36 -6.30
C SER B 81 19.13 4.78 -5.83
N GLY B 82 20.15 5.33 -5.16
CA GLY B 82 20.17 6.77 -4.91
C GLY B 82 21.43 7.24 -4.20
N LEU B 83 21.46 8.57 -4.03
CA LEU B 83 22.50 9.31 -3.31
C LEU B 83 22.09 9.59 -1.84
N VAL B 84 22.94 9.18 -0.91
CA VAL B 84 22.63 9.41 0.49
C VAL B 84 23.77 10.30 1.02
N ILE B 85 23.42 11.46 1.60
CA ILE B 85 24.39 12.41 2.16
C ILE B 85 24.18 12.45 3.66
N TYR B 86 25.17 12.03 4.42
CA TYR B 86 24.96 11.87 5.90
C TYR B 86 24.64 13.15 6.67
N SER B 87 25.37 14.23 6.43
CA SER B 87 25.09 15.48 7.15
C SER B 87 23.67 15.99 6.87
N LEU B 88 23.07 15.53 5.76
CA LEU B 88 21.72 16.01 5.35
C LEU B 88 20.61 15.06 5.68
N GLY B 89 20.83 14.23 6.70
CA GLY B 89 19.91 13.18 7.08
C GLY B 89 19.68 12.13 6.02
N GLY B 90 20.65 11.91 5.12
CA GLY B 90 20.48 10.87 4.08
C GLY B 90 19.78 11.33 2.80
N PHE B 91 19.39 12.60 2.77
CA PHE B 91 18.92 13.29 1.54
C PHE B 91 19.93 13.15 0.38
N PRO B 92 19.47 13.00 -0.88
CA PRO B 92 18.02 12.96 -1.21
C PRO B 92 17.47 11.52 -1.10
N GLY B 93 18.33 10.52 -1.05
CA GLY B 93 17.83 9.18 -0.70
C GLY B 93 16.86 8.59 -1.73
N VAL B 94 15.75 8.07 -1.24
CA VAL B 94 14.67 7.57 -2.11
C VAL B 94 14.08 8.69 -2.98
N MET B 95 14.40 9.94 -2.64
CA MET B 95 13.98 11.08 -3.45
C MET B 95 14.99 11.51 -4.48
N SER B 96 16.06 10.76 -4.70
CA SER B 96 17.10 11.16 -5.66
C SER B 96 16.59 11.58 -7.04
N ALA B 97 15.63 10.83 -7.56
CA ALA B 97 15.12 11.12 -8.87
C ALA B 97 14.03 12.21 -8.75
N ARG B 98 13.18 12.10 -7.74
CA ARG B 98 12.03 12.99 -7.64
C ARG B 98 12.44 14.44 -7.29
N PHE B 99 13.57 14.62 -6.60
CA PHE B 99 13.91 15.93 -6.14
C PHE B 99 14.12 16.86 -7.36
N MET B 100 13.41 18.00 -7.39
CA MET B 100 13.54 19.00 -8.44
C MET B 100 13.51 18.32 -9.79
N GLU B 101 12.55 17.41 -9.98
CA GLU B 101 12.62 16.51 -11.14
C GLU B 101 12.44 17.22 -12.49
N GLU B 102 11.91 18.44 -12.49
CA GLU B 102 11.87 19.16 -13.77
C GLU B 102 13.19 19.89 -14.14
N HIS B 103 14.18 19.91 -13.22
CA HIS B 103 15.49 20.59 -13.46
C HIS B 103 16.52 19.62 -13.96
N SER B 104 17.62 20.13 -14.51
CA SER B 104 18.68 19.21 -14.92
C SER B 104 19.41 18.76 -13.65
N TYR B 105 20.21 17.71 -13.76
CA TYR B 105 21.10 17.28 -12.68
C TYR B 105 22.12 18.35 -12.24
N LYS B 106 22.64 19.05 -13.21
CA LYS B 106 23.49 20.24 -12.90
C LYS B 106 22.85 21.15 -11.86
N GLU B 107 21.55 21.35 -11.99
CA GLU B 107 20.83 22.26 -11.12
C GLU B 107 20.55 21.57 -9.83
N LYS B 108 20.22 20.29 -9.90
CA LYS B 108 20.01 19.58 -8.63
C LYS B 108 21.41 19.54 -7.95
N MET B 109 22.48 19.36 -8.69
CA MET B 109 23.80 19.43 -7.97
C MET B 109 24.12 20.79 -7.34
N ARG B 110 23.92 21.88 -8.12
CA ARG B 110 24.15 23.22 -7.59
C ARG B 110 23.35 23.38 -6.33
N THR B 111 22.10 22.94 -6.36
CA THR B 111 21.33 23.13 -5.17
C THR B 111 21.84 22.36 -3.96
N ILE B 112 22.32 21.14 -4.20
CA ILE B 112 22.85 20.33 -3.09
C ILE B 112 24.23 20.92 -2.69
N LEU B 113 25.02 21.38 -3.65
CA LEU B 113 26.23 22.20 -3.26
C LEU B 113 25.88 23.31 -2.29
N LYS B 114 24.82 24.07 -2.56
CA LYS B 114 24.42 25.11 -1.63
C LYS B 114 24.07 24.54 -0.27
N MET B 115 23.46 23.35 -0.21
CA MET B 115 22.97 22.80 1.08
C MET B 115 24.13 22.28 1.94
N LEU B 116 25.19 21.91 1.25
CA LEU B 116 26.38 21.40 1.89
C LEU B 116 27.44 22.44 2.37
N GLU B 117 27.11 23.73 2.34
CA GLU B 117 28.14 24.72 2.69
C GLU B 117 28.20 24.67 4.20
N GLY B 118 29.41 24.43 4.70
CA GLY B 118 29.63 24.33 6.13
C GLY B 118 29.17 23.01 6.75
N LYS B 119 28.95 21.97 5.93
CA LYS B 119 28.64 20.63 6.44
C LYS B 119 29.65 19.58 6.03
N ASP B 120 29.67 18.47 6.76
CA ASP B 120 30.45 17.28 6.38
C ASP B 120 29.97 16.78 4.96
N ARG B 121 30.91 16.36 4.12
CA ARG B 121 30.64 16.12 2.72
C ARG B 121 30.50 14.63 2.30
N ARG B 122 30.59 13.79 3.31
CA ARG B 122 30.62 12.33 3.07
C ARG B 122 29.23 11.86 2.61
N ALA B 123 29.25 10.97 1.67
CA ALA B 123 28.00 10.48 1.08
C ALA B 123 28.28 9.07 0.61
N ALA B 124 27.20 8.39 0.18
CA ALA B 124 27.30 7.09 -0.49
C ALA B 124 26.31 7.02 -1.66
N PHE B 125 26.63 6.36 -2.78
CA PHE B 125 25.52 5.82 -3.59
C PHE B 125 25.11 4.43 -2.95
N VAL B 126 23.79 4.15 -2.90
CA VAL B 126 23.29 2.89 -2.45
C VAL B 126 22.51 2.20 -3.58
N CYS B 127 22.68 0.90 -3.78
CA CYS B 127 21.87 0.20 -4.78
C CYS B 127 21.27 -1.08 -4.16
N SER B 128 19.92 -1.17 -4.15
CA SER B 128 19.22 -2.43 -3.83
C SER B 128 18.91 -3.23 -5.14
N ALA B 129 19.60 -4.36 -5.36
CA ALA B 129 19.48 -5.18 -6.62
C ALA B 129 18.54 -6.41 -6.37
N THR B 130 17.43 -6.51 -7.06
CA THR B 130 16.48 -7.64 -6.78
C THR B 130 16.23 -8.55 -7.95
N PHE B 131 16.25 -9.86 -7.67
CA PHE B 131 15.80 -10.93 -8.62
C PHE B 131 14.47 -11.53 -8.18
N PHE B 132 13.59 -11.69 -9.13
CA PHE B 132 12.28 -12.28 -8.89
C PHE B 132 11.97 -13.24 -10.02
N ASP B 133 11.69 -14.47 -9.61
CA ASP B 133 11.24 -15.50 -10.52
C ASP B 133 9.78 -15.81 -10.13
N PRO B 134 8.84 -15.32 -10.90
CA PRO B 134 7.44 -15.52 -10.56
C PRO B 134 6.83 -16.92 -10.85
N VAL B 135 7.57 -17.81 -11.50
CA VAL B 135 7.10 -19.19 -11.71
C VAL B 135 7.37 -20.04 -10.48
N GLU B 136 8.56 -19.92 -9.93
CA GLU B 136 8.91 -20.57 -8.70
C GLU B 136 8.54 -19.75 -7.43
N ASN B 137 8.24 -18.46 -7.59
CA ASN B 137 8.08 -17.53 -6.46
C ASN B 137 9.32 -17.48 -5.55
N THR B 138 10.44 -17.28 -6.19
CA THR B 138 11.72 -17.09 -5.56
C THR B 138 12.03 -15.62 -5.65
N LEU B 139 12.31 -15.01 -4.53
CA LEU B 139 12.77 -13.61 -4.54
C LEU B 139 14.07 -13.42 -3.78
N ILE B 140 15.02 -12.78 -4.43
CA ILE B 140 16.34 -12.50 -3.82
C ILE B 140 16.78 -11.03 -3.95
N SER B 141 16.89 -10.36 -2.79
CA SER B 141 17.24 -8.95 -2.82
C SER B 141 18.53 -8.68 -2.00
N VAL B 142 19.56 -8.13 -2.66
CA VAL B 142 20.82 -7.73 -2.01
C VAL B 142 21.18 -6.26 -2.30
N GLU B 143 21.87 -5.65 -1.32
CA GLU B 143 22.18 -4.21 -1.34
C GLU B 143 23.69 -4.01 -1.19
N ASP B 144 24.21 -3.00 -1.89
CA ASP B 144 25.58 -2.59 -1.61
C ASP B 144 25.69 -1.07 -1.73
N ARG B 145 26.86 -0.51 -1.41
CA ARG B 145 27.06 0.94 -1.43
C ARG B 145 28.48 1.32 -1.83
N VAL B 146 28.72 2.58 -2.23
CA VAL B 146 30.10 3.02 -2.53
C VAL B 146 30.24 4.31 -1.76
N GLU B 147 31.15 4.31 -0.79
CA GLU B 147 31.25 5.41 0.15
C GLU B 147 32.08 6.48 -0.54
N GLY B 148 31.76 7.74 -0.41
CA GLY B 148 32.63 8.74 -0.99
C GLY B 148 32.30 10.04 -0.38
N ARG B 149 32.37 11.07 -1.19
CA ARG B 149 32.11 12.38 -0.63
C ARG B 149 31.64 13.32 -1.72
N ILE B 150 30.93 14.36 -1.35
CA ILE B 150 30.48 15.23 -2.47
C ILE B 150 31.59 16.24 -2.80
N ALA B 151 31.99 16.33 -4.06
CA ALA B 151 32.91 17.36 -4.55
C ALA B 151 32.44 18.80 -4.24
N ASN B 152 33.37 19.74 -4.37
CA ASN B 152 33.10 21.15 -4.14
C ASN B 152 32.52 21.83 -5.37
N GLU B 153 32.64 21.17 -6.52
CA GLU B 153 32.02 21.62 -7.73
C GLU B 153 31.59 20.42 -8.58
N ILE B 154 30.93 20.72 -9.70
CA ILE B 154 30.47 19.73 -10.65
C ILE B 154 31.58 19.63 -11.64
N ARG B 155 32.00 18.40 -12.01
CA ARG B 155 33.00 18.18 -13.07
C ARG B 155 32.82 16.87 -13.84
N GLY B 156 33.04 16.94 -15.15
CA GLY B 156 32.89 15.79 -16.02
C GLY B 156 31.51 15.72 -16.64
N THR B 157 31.41 15.08 -17.79
CA THR B 157 30.13 14.88 -18.44
C THR B 157 29.81 13.39 -18.54
N GLY B 158 30.62 12.55 -17.89
CA GLY B 158 30.41 11.11 -17.96
C GLY B 158 29.33 10.64 -17.01
N GLY B 159 28.90 9.38 -17.16
CA GLY B 159 27.95 8.78 -16.25
C GLY B 159 26.58 9.38 -16.40
N PHE B 160 25.86 9.48 -15.29
CA PHE B 160 24.52 10.07 -15.30
C PHE B 160 24.19 10.60 -13.95
N GLY B 161 23.10 11.37 -13.83
CA GLY B 161 22.58 11.73 -12.49
C GLY B 161 23.57 12.55 -11.70
N TYR B 162 23.73 12.21 -10.42
CA TYR B 162 24.70 12.84 -9.52
C TYR B 162 26.19 12.51 -9.81
N ASP B 163 26.50 11.79 -10.88
CA ASP B 163 27.90 11.34 -11.02
C ASP B 163 28.87 12.52 -10.92
N PRO B 164 28.63 13.61 -11.68
CA PRO B 164 29.61 14.72 -11.79
C PRO B 164 30.04 15.39 -10.48
N PHE B 165 29.35 15.21 -9.36
CA PHE B 165 29.91 15.72 -8.06
C PHE B 165 30.10 14.67 -7.00
N PHE B 166 30.12 13.41 -7.40
CA PHE B 166 30.35 12.35 -6.42
C PHE B 166 31.80 11.86 -6.45
N ILE B 167 32.55 12.02 -5.35
CA ILE B 167 33.96 11.48 -5.39
C ILE B 167 34.10 10.12 -4.63
N PRO B 168 34.46 9.03 -5.30
CA PRO B 168 34.59 7.77 -4.51
C PRO B 168 35.79 7.80 -3.55
N ASP B 169 35.58 7.31 -2.31
CA ASP B 169 36.62 7.15 -1.26
C ASP B 169 37.86 6.56 -1.93
N GLY B 170 39.03 7.09 -1.58
CA GLY B 170 40.27 6.63 -2.21
C GLY B 170 40.53 7.22 -3.61
N TYR B 171 39.70 8.19 -4.02
CA TYR B 171 39.83 8.87 -5.32
C TYR B 171 39.80 10.41 -5.26
N ASP B 172 40.28 10.98 -6.36
CA ASP B 172 40.52 12.42 -6.59
C ASP B 172 39.34 12.94 -7.41
N LYS B 173 38.98 12.14 -8.39
CA LYS B 173 38.05 12.53 -9.43
C LYS B 173 36.64 12.05 -9.14
N THR B 174 35.65 12.78 -9.68
CA THR B 174 34.26 12.41 -9.58
C THR B 174 33.97 11.31 -10.60
N PHE B 175 32.86 10.59 -10.39
CA PHE B 175 32.39 9.65 -11.41
C PHE B 175 32.07 10.27 -12.76
N GLY B 176 31.80 11.58 -12.82
CA GLY B 176 31.61 12.27 -14.12
C GLY B 176 32.90 12.37 -14.94
N GLU B 177 34.03 12.46 -14.24
CA GLU B 177 35.39 12.45 -14.85
C GLU B 177 35.92 11.04 -15.21
N ILE B 178 35.72 10.10 -14.27
CA ILE B 178 36.18 8.71 -14.46
C ILE B 178 35.02 7.72 -14.42
N PRO B 179 34.07 7.86 -15.35
CA PRO B 179 32.91 7.00 -15.18
C PRO B 179 33.25 5.49 -15.39
N HIS B 180 34.35 5.22 -16.13
CA HIS B 180 34.81 3.83 -16.41
C HIS B 180 35.08 3.03 -15.14
N LEU B 181 35.38 3.71 -14.05
CA LEU B 181 35.57 3.07 -12.79
C LEU B 181 34.28 2.53 -12.09
N LYS B 182 33.13 2.88 -12.63
CA LYS B 182 31.86 2.42 -12.10
C LYS B 182 31.67 0.91 -12.27
N GLU B 183 32.07 0.40 -13.44
CA GLU B 183 32.17 -1.01 -13.76
C GLU B 183 32.78 -1.84 -12.61
N LYS B 184 33.63 -1.25 -11.79
CA LYS B 184 34.40 -2.03 -10.82
C LYS B 184 33.93 -1.74 -9.43
N ILE B 185 33.62 -0.48 -9.17
CA ILE B 185 33.43 -0.12 -7.80
C ILE B 185 32.10 0.53 -7.47
N SER B 186 31.24 0.81 -8.44
CA SER B 186 29.96 1.43 -8.02
C SER B 186 29.10 0.55 -7.09
N HIS B 187 28.22 1.22 -6.37
CA HIS B 187 27.08 0.61 -5.69
C HIS B 187 26.33 -0.40 -6.55
N ARG B 188 26.23 -0.10 -7.85
CA ARG B 188 25.46 -0.93 -8.77
C ARG B 188 26.23 -2.17 -9.20
N SER B 189 27.49 -1.98 -9.57
CA SER B 189 28.40 -3.09 -9.80
C SER B 189 28.53 -4.02 -8.58
N LYS B 190 28.68 -3.50 -7.40
CA LYS B 190 28.83 -4.37 -6.24
C LYS B 190 27.50 -5.14 -5.84
N ALA B 191 26.37 -4.42 -5.81
CA ALA B 191 25.05 -5.06 -5.59
C ALA B 191 24.72 -6.16 -6.59
N PHE B 192 24.82 -5.85 -7.87
CA PHE B 192 24.51 -6.86 -8.87
C PHE B 192 25.45 -8.07 -8.89
N ARG B 193 26.76 -7.83 -8.75
CA ARG B 193 27.66 -8.97 -8.67
C ARG B 193 27.42 -9.80 -7.42
N LYS B 194 27.08 -9.17 -6.31
CA LYS B 194 26.62 -9.91 -5.17
C LYS B 194 25.37 -10.77 -5.58
N LEU B 195 24.42 -10.17 -6.30
CA LEU B 195 23.26 -10.89 -6.75
C LEU B 195 23.61 -12.06 -7.75
N PHE B 196 24.41 -11.76 -8.77
CA PHE B 196 24.94 -12.82 -9.64
C PHE B 196 25.63 -14.00 -8.87
N SER B 197 26.39 -13.67 -7.83
CA SER B 197 27.11 -14.68 -7.06
C SER B 197 26.14 -15.58 -6.26
N VAL B 198 25.19 -15.00 -5.51
CA VAL B 198 24.06 -15.79 -4.94
C VAL B 198 23.38 -16.70 -5.98
N LEU B 199 23.10 -16.21 -7.17
CA LEU B 199 22.40 -17.02 -8.16
C LEU B 199 23.26 -18.15 -8.73
N GLU B 200 24.57 -17.91 -8.71
CA GLU B 200 25.53 -18.89 -9.17
C GLU B 200 25.41 -20.09 -8.25
N LYS B 201 25.46 -19.83 -6.95
CA LYS B 201 25.43 -20.90 -6.00
C LYS B 201 24.13 -21.69 -6.05
N ILE B 202 23.03 -21.03 -6.43
CA ILE B 202 21.73 -21.66 -6.47
C ILE B 202 21.31 -21.96 -7.92
N LEU B 203 22.22 -22.61 -8.62
CA LEU B 203 22.04 -23.15 -9.97
C LEU B 203 23.05 -24.26 -10.24
N LYS C 15 25.60 -19.04 15.54
CA LYS C 15 26.09 -18.32 14.35
C LYS C 15 25.05 -17.32 13.83
N LEU C 16 23.78 -17.48 14.24
CA LEU C 16 22.67 -16.61 13.77
C LEU C 16 21.35 -16.70 14.57
N THR C 17 21.03 -15.63 15.29
CA THR C 17 19.72 -15.51 15.95
C THR C 17 18.69 -14.75 15.09
N VAL C 18 17.72 -15.53 14.59
CA VAL C 18 16.58 -15.04 13.81
C VAL C 18 15.25 -15.07 14.58
N TYR C 19 14.51 -13.96 14.60
CA TYR C 19 13.15 -13.90 15.18
C TYR C 19 12.03 -14.30 14.20
N LEU C 20 10.95 -14.93 14.67
CA LEU C 20 9.86 -15.29 13.77
C LEU C 20 8.81 -14.17 13.68
N ALA C 21 8.53 -13.72 12.45
CA ALA C 21 7.66 -12.56 12.26
C ALA C 21 6.16 -12.98 12.26
N THR C 22 5.75 -13.70 13.33
CA THR C 22 4.43 -14.32 13.34
C THR C 22 3.69 -14.33 14.67
N THR C 23 2.37 -14.44 14.56
CA THR C 23 1.43 -14.34 15.66
C THR C 23 0.86 -15.72 15.98
N ASN C 24 1.31 -16.71 15.21
CA ASN C 24 0.78 -18.04 15.24
C ASN C 24 1.71 -18.94 16.04
N PRO C 25 1.27 -19.31 17.26
CA PRO C 25 2.00 -20.25 18.14
C PRO C 25 2.27 -21.56 17.44
N HIS C 26 1.36 -21.97 16.57
CA HIS C 26 1.52 -23.25 15.86
C HIS C 26 2.57 -23.19 14.76
N LYS C 27 2.66 -22.05 14.06
CA LYS C 27 3.77 -21.81 13.12
C LYS C 27 5.13 -21.76 13.86
N VAL C 28 5.15 -21.04 14.99
CA VAL C 28 6.31 -20.93 15.91
C VAL C 28 6.91 -22.29 16.21
N GLU C 29 6.05 -23.22 16.66
CA GLU C 29 6.46 -24.58 16.97
C GLU C 29 6.95 -25.37 15.74
N GLU C 30 6.22 -25.31 14.63
CA GLU C 30 6.62 -26.14 13.46
C GLU C 30 7.88 -25.69 12.77
N ILE C 31 8.20 -24.41 12.88
CA ILE C 31 9.43 -23.89 12.25
C ILE C 31 10.58 -24.24 13.19
N LYS C 32 10.35 -23.97 14.49
CA LYS C 32 11.32 -24.23 15.56
C LYS C 32 11.91 -25.63 15.43
N MET C 33 11.03 -26.60 15.32
CA MET C 33 11.46 -27.98 15.22
C MET C 33 12.21 -28.39 13.93
N ILE C 34 12.26 -27.56 12.89
CA ILE C 34 13.15 -27.92 11.76
C ILE C 34 14.37 -26.99 11.56
N ALA C 35 14.61 -26.13 12.54
CA ALA C 35 15.76 -25.24 12.57
C ALA C 35 17.08 -26.00 12.34
N PRO C 36 17.95 -25.54 11.44
CA PRO C 36 19.29 -26.17 11.32
C PRO C 36 20.30 -25.66 12.39
N GLU C 37 21.46 -26.34 12.51
CA GLU C 37 22.37 -26.15 13.69
C GLU C 37 22.83 -24.72 13.95
N TRP C 38 23.15 -24.00 12.90
CA TRP C 38 23.76 -22.68 13.07
C TRP C 38 22.76 -21.58 13.40
N MET C 39 21.50 -21.95 13.58
CA MET C 39 20.47 -20.95 13.74
C MET C 39 19.72 -21.06 15.07
N GLU C 40 19.73 -19.99 15.83
CA GLU C 40 18.87 -19.91 17.01
C GLU C 40 17.58 -19.23 16.58
N ILE C 41 16.52 -20.01 16.37
CA ILE C 41 15.23 -19.46 15.99
C ILE C 41 14.39 -19.12 17.22
N LEU C 42 14.08 -17.83 17.42
CA LEU C 42 13.23 -17.41 18.55
C LEU C 42 11.87 -16.90 18.08
N PRO C 43 10.83 -16.95 18.97
CA PRO C 43 9.64 -16.10 18.71
C PRO C 43 10.12 -14.66 18.73
N SER C 44 9.36 -13.76 18.10
CA SER C 44 9.62 -12.32 18.22
C SER C 44 9.24 -11.82 19.61
N PRO C 45 10.02 -10.86 20.18
CA PRO C 45 9.61 -10.28 21.47
C PRO C 45 8.26 -9.53 21.39
N GLU C 46 7.96 -8.99 20.22
CA GLU C 46 6.81 -8.11 20.03
C GLU C 46 5.84 -8.62 18.98
N LYS C 47 4.57 -8.51 19.30
CA LYS C 47 3.45 -8.70 18.38
C LYS C 47 3.25 -7.37 17.68
N ILE C 48 3.47 -7.34 16.36
CA ILE C 48 3.41 -6.09 15.54
C ILE C 48 2.32 -6.17 14.45
N GLU C 49 1.52 -5.12 14.34
CA GLU C 49 0.43 -5.06 13.35
C GLU C 49 0.99 -4.99 11.91
N VAL C 50 0.49 -5.89 11.06
CA VAL C 50 0.86 -5.87 9.66
C VAL C 50 -0.42 -6.07 8.88
N VAL C 51 -0.68 -5.15 7.98
CA VAL C 51 -1.81 -5.32 7.11
C VAL C 51 -1.37 -6.26 5.98
N GLU C 52 -2.02 -7.42 5.96
CA GLU C 52 -1.74 -8.47 4.97
C GLU C 52 -2.61 -8.23 3.73
N ASP C 53 -2.24 -7.24 2.96
CA ASP C 53 -3.08 -6.82 1.88
C ASP C 53 -2.53 -7.27 0.54
N GLY C 54 -1.67 -8.28 0.53
CA GLY C 54 -1.05 -8.69 -0.73
C GLY C 54 -1.91 -9.67 -1.50
N GLU C 55 -1.70 -9.78 -2.80
CA GLU C 55 -2.54 -10.71 -3.53
C GLU C 55 -2.02 -12.13 -3.50
N THR C 56 -0.81 -12.33 -3.04
CA THR C 56 -0.23 -13.62 -3.06
C THR C 56 0.42 -13.87 -1.71
N PHE C 57 0.74 -15.12 -1.45
CA PHE C 57 1.53 -15.47 -0.27
C PHE C 57 2.87 -14.78 -0.22
N LEU C 58 3.61 -14.81 -1.30
CA LEU C 58 4.89 -14.11 -1.37
C LEU C 58 4.79 -12.63 -0.86
N GLU C 59 3.78 -11.87 -1.33
CA GLU C 59 3.74 -10.43 -1.03
C GLU C 59 3.46 -10.24 0.42
N ASN C 60 2.59 -11.08 0.99
CA ASN C 60 2.31 -11.03 2.44
C ASN C 60 3.52 -11.49 3.28
N SER C 61 4.22 -12.46 2.76
CA SER C 61 5.38 -13.02 3.50
C SER C 61 6.43 -11.92 3.57
N VAL C 62 6.71 -11.32 2.40
CA VAL C 62 7.73 -10.28 2.29
C VAL C 62 7.35 -9.14 3.21
N LYS C 63 6.11 -8.74 3.17
CA LYS C 63 5.67 -7.63 3.92
C LYS C 63 5.78 -7.82 5.47
N LYS C 64 5.36 -8.97 5.98
CA LYS C 64 5.56 -9.30 7.38
C LYS C 64 7.04 -9.30 7.73
N ALA C 65 7.90 -9.86 6.86
CA ALA C 65 9.31 -9.85 7.18
C ALA C 65 9.85 -8.40 7.31
N VAL C 66 9.53 -7.55 6.32
CA VAL C 66 10.12 -6.23 6.28
C VAL C 66 9.69 -5.45 7.54
N VAL C 67 8.39 -5.36 7.77
CA VAL C 67 7.84 -4.65 8.91
C VAL C 67 8.47 -5.07 10.25
N TYR C 68 8.45 -6.37 10.56
CA TYR C 68 9.07 -6.86 11.78
C TYR C 68 10.53 -6.52 11.88
N GLY C 69 11.25 -6.73 10.78
CA GLY C 69 12.67 -6.52 10.72
C GLY C 69 13.06 -5.06 10.88
N LYS C 70 12.18 -4.13 10.47
CA LYS C 70 12.47 -2.71 10.60
C LYS C 70 12.25 -2.36 12.07
N LYS C 71 11.11 -2.76 12.64
CA LYS C 71 10.86 -2.53 14.06
C LYS C 71 12.01 -3.12 14.92
N LEU C 72 12.29 -4.42 14.77
CA LEU C 72 13.22 -5.15 15.64
C LEU C 72 14.74 -4.99 15.42
N LYS C 73 15.13 -4.47 14.25
CA LYS C 73 16.55 -4.29 13.86
C LYS C 73 17.46 -5.52 13.90
N HIS C 74 16.83 -6.70 13.85
CA HIS C 74 17.58 -7.96 13.77
C HIS C 74 17.03 -8.80 12.63
N PRO C 75 17.81 -9.81 12.17
CA PRO C 75 17.27 -10.76 11.21
C PRO C 75 15.97 -11.44 11.69
N VAL C 76 15.07 -11.62 10.74
CA VAL C 76 13.76 -12.19 10.99
C VAL C 76 13.43 -13.16 9.87
N MET C 77 12.46 -14.06 10.13
CA MET C 77 11.82 -14.85 9.08
C MET C 77 10.30 -14.75 9.23
N ALA C 78 9.60 -14.89 8.13
CA ALA C 78 8.16 -14.74 8.10
C ALA C 78 7.60 -15.91 7.32
N ASP C 79 6.30 -16.19 7.52
CA ASP C 79 5.62 -17.22 6.76
C ASP C 79 4.24 -16.68 6.41
N ASP C 80 3.90 -16.79 5.13
CA ASP C 80 2.50 -16.63 4.78
C ASP C 80 2.05 -17.89 4.07
N SER C 81 0.91 -18.39 4.45
CA SER C 81 0.50 -19.74 4.06
C SER C 81 -0.98 -19.78 3.91
N GLY C 82 -1.46 -20.76 3.16
CA GLY C 82 -2.87 -20.98 3.11
C GLY C 82 -3.17 -22.22 2.36
N LEU C 83 -4.46 -22.49 2.33
CA LEU C 83 -5.02 -23.62 1.64
C LEU C 83 -5.58 -23.16 0.24
N VAL C 84 -5.21 -23.86 -0.82
CA VAL C 84 -5.62 -23.54 -2.19
C VAL C 84 -6.42 -24.74 -2.75
N ILE C 85 -7.71 -24.55 -3.04
CA ILE C 85 -8.50 -25.67 -3.50
C ILE C 85 -8.82 -25.30 -4.94
N TYR C 86 -8.33 -26.11 -5.87
CA TYR C 86 -8.38 -25.78 -7.31
C TYR C 86 -9.77 -25.61 -7.89
N SER C 87 -10.68 -26.52 -7.59
CA SER C 87 -12.04 -26.46 -8.16
C SER C 87 -12.83 -25.26 -7.66
N LEU C 88 -12.25 -24.54 -6.70
CA LEU C 88 -12.93 -23.41 -6.15
C LEU C 88 -12.17 -22.14 -6.47
N GLY C 89 -11.53 -22.10 -7.65
CA GLY C 89 -10.72 -20.93 -8.08
C GLY C 89 -9.50 -20.63 -7.17
N GLY C 90 -9.05 -21.56 -6.36
CA GLY C 90 -7.85 -21.24 -5.52
C GLY C 90 -8.29 -20.81 -4.10
N PHE C 91 -9.59 -20.75 -3.85
CA PHE C 91 -10.14 -20.50 -2.50
C PHE C 91 -9.71 -21.60 -1.48
N PRO C 92 -9.52 -21.25 -0.20
CA PRO C 92 -9.58 -19.85 0.33
C PRO C 92 -8.28 -19.04 0.08
N GLY C 93 -7.16 -19.68 -0.21
CA GLY C 93 -5.91 -18.96 -0.57
C GLY C 93 -5.43 -17.93 0.47
N VAL C 94 -5.06 -16.72 0.04
CA VAL C 94 -4.67 -15.66 0.98
C VAL C 94 -5.75 -15.31 1.98
N MET C 95 -6.98 -15.68 1.69
CA MET C 95 -8.02 -15.53 2.67
C MET C 95 -8.24 -16.73 3.66
N SER C 96 -7.22 -17.53 3.92
CA SER C 96 -7.37 -18.80 4.63
C SER C 96 -7.74 -18.61 6.13
N ALA C 97 -7.13 -17.60 6.74
CA ALA C 97 -7.40 -17.20 8.15
C ALA C 97 -8.64 -16.34 8.23
N ARG C 98 -8.73 -15.36 7.32
CA ARG C 98 -9.78 -14.38 7.39
C ARG C 98 -11.16 -14.97 7.05
N PHE C 99 -11.21 -16.01 6.24
CA PHE C 99 -12.49 -16.63 5.91
C PHE C 99 -13.22 -17.14 7.19
N MET C 100 -14.41 -16.63 7.44
CA MET C 100 -15.16 -17.05 8.61
C MET C 100 -14.32 -16.98 9.93
N GLU C 101 -13.54 -15.91 10.08
CA GLU C 101 -12.50 -15.88 11.11
C GLU C 101 -13.03 -15.92 12.53
N GLU C 102 -14.30 -15.58 12.75
CA GLU C 102 -14.86 -15.63 14.10
C GLU C 102 -15.37 -17.05 14.38
N HIS C 103 -15.28 -17.93 13.40
CA HIS C 103 -15.87 -19.24 13.57
C HIS C 103 -14.70 -20.21 13.79
N SER C 104 -14.99 -21.35 14.40
CA SER C 104 -13.98 -22.36 14.62
C SER C 104 -13.57 -22.92 13.29
N TYR C 105 -12.39 -23.57 13.25
CA TYR C 105 -11.93 -24.25 12.03
C TYR C 105 -12.77 -25.47 11.66
N LYS C 106 -13.39 -26.05 12.67
CA LYS C 106 -14.37 -27.07 12.39
C LYS C 106 -15.56 -26.54 11.56
N GLU C 107 -16.09 -25.38 11.92
CA GLU C 107 -17.12 -24.72 11.16
C GLU C 107 -16.66 -24.43 9.71
N LYS C 108 -15.41 -23.92 9.55
CA LYS C 108 -14.84 -23.60 8.23
C LYS C 108 -14.73 -24.82 7.39
N MET C 109 -14.18 -25.88 7.97
CA MET C 109 -13.99 -27.07 7.18
C MET C 109 -15.35 -27.67 6.84
N ARG C 110 -16.25 -27.65 7.81
CA ARG C 110 -17.58 -28.16 7.50
C ARG C 110 -18.17 -27.35 6.33
N THR C 111 -18.05 -26.00 6.37
CA THR C 111 -18.56 -25.17 5.23
C THR C 111 -17.95 -25.55 3.87
N ILE C 112 -16.64 -25.79 3.85
CA ILE C 112 -15.94 -26.06 2.61
C ILE C 112 -16.31 -27.47 2.07
N LEU C 113 -16.53 -28.44 2.97
CA LEU C 113 -17.03 -29.76 2.51
C LEU C 113 -18.33 -29.59 1.69
N LYS C 114 -19.23 -28.75 2.16
CA LYS C 114 -20.45 -28.48 1.43
C LYS C 114 -20.20 -27.94 0.03
N MET C 115 -19.25 -26.99 -0.09
CA MET C 115 -18.85 -26.37 -1.37
C MET C 115 -18.30 -27.40 -2.35
N LEU C 116 -17.76 -28.46 -1.78
CA LEU C 116 -17.03 -29.40 -2.56
C LEU C 116 -17.90 -30.56 -3.12
N GLU C 117 -19.11 -30.68 -2.57
CA GLU C 117 -20.11 -31.68 -3.01
C GLU C 117 -20.22 -31.67 -4.51
N GLY C 118 -19.95 -32.81 -5.13
CA GLY C 118 -19.93 -32.90 -6.59
C GLY C 118 -18.73 -32.32 -7.32
N LYS C 119 -17.66 -31.96 -6.61
CA LYS C 119 -16.49 -31.29 -7.22
C LYS C 119 -15.19 -32.04 -6.99
N ASP C 120 -14.23 -31.78 -7.86
CA ASP C 120 -12.83 -32.18 -7.63
C ASP C 120 -12.30 -31.74 -6.25
N ARG C 121 -11.79 -32.70 -5.45
CA ARG C 121 -11.41 -32.43 -4.05
C ARG C 121 -9.94 -31.93 -3.88
N ARG C 122 -9.15 -31.92 -4.97
CA ARG C 122 -7.72 -31.62 -4.89
C ARG C 122 -7.40 -30.17 -4.41
N ALA C 123 -6.31 -30.05 -3.68
CA ALA C 123 -5.95 -28.84 -2.99
C ALA C 123 -4.43 -28.86 -2.67
N ALA C 124 -3.88 -27.73 -2.22
CA ALA C 124 -2.49 -27.67 -1.73
C ALA C 124 -2.42 -26.71 -0.55
N PHE C 125 -1.60 -27.04 0.43
CA PHE C 125 -1.17 -26.04 1.37
C PHE C 125 0.03 -25.44 0.68
N VAL C 126 0.17 -24.12 0.75
CA VAL C 126 1.30 -23.38 0.13
C VAL C 126 1.96 -22.53 1.20
N CYS C 127 3.28 -22.34 1.18
CA CYS C 127 3.91 -21.52 2.24
C CYS C 127 4.95 -20.62 1.60
N SER C 128 4.92 -19.34 1.91
CA SER C 128 5.99 -18.49 1.47
C SER C 128 6.81 -18.11 2.67
N ALA C 129 8.06 -18.53 2.63
CA ALA C 129 9.02 -18.41 3.70
C ALA C 129 10.09 -17.35 3.28
N THR C 130 10.23 -16.30 4.09
CA THR C 130 11.06 -15.17 3.75
C THR C 130 12.06 -14.88 4.84
N PHE C 131 13.30 -14.66 4.47
CA PHE C 131 14.26 -14.24 5.46
C PHE C 131 14.56 -12.76 5.19
N PHE C 132 14.67 -11.96 6.25
CA PHE C 132 15.06 -10.56 6.14
C PHE C 132 16.11 -10.13 7.17
N ASP C 133 17.26 -9.70 6.65
CA ASP C 133 18.30 -9.07 7.46
C ASP C 133 18.24 -7.56 7.27
N PRO C 134 17.74 -6.87 8.27
CA PRO C 134 17.69 -5.41 8.16
C PRO C 134 19.05 -4.72 8.39
N VAL C 135 20.10 -5.46 8.68
CA VAL C 135 21.38 -4.77 8.84
C VAL C 135 22.11 -4.68 7.50
N GLU C 136 22.36 -5.81 6.87
CA GLU C 136 22.80 -5.88 5.47
C GLU C 136 21.73 -5.52 4.38
N ASN C 137 20.44 -5.41 4.71
CA ASN C 137 19.36 -5.28 3.67
C ASN C 137 19.34 -6.43 2.62
N THR C 138 19.38 -7.65 3.13
CA THR C 138 19.29 -8.85 2.31
C THR C 138 17.90 -9.42 2.65
N LEU C 139 17.15 -9.79 1.63
CA LEU C 139 15.91 -10.45 1.82
C LEU C 139 15.85 -11.63 0.85
N ILE C 140 15.48 -12.81 1.37
CA ILE C 140 15.29 -14.00 0.52
C ILE C 140 13.89 -14.57 0.74
N SER C 141 13.20 -14.84 -0.34
CA SER C 141 11.86 -15.39 -0.24
C SER C 141 11.79 -16.59 -1.15
N VAL C 142 11.36 -17.71 -0.56
CA VAL C 142 11.15 -18.89 -1.36
C VAL C 142 9.78 -19.49 -1.06
N GLU C 143 9.27 -20.25 -2.01
CA GLU C 143 7.97 -20.83 -1.79
C GLU C 143 7.93 -22.33 -2.07
N ASP C 144 7.15 -23.05 -1.24
CA ASP C 144 6.83 -24.42 -1.61
C ASP C 144 5.39 -24.78 -1.32
N ARG C 145 4.99 -25.98 -1.76
CA ARG C 145 3.62 -26.49 -1.55
C ARG C 145 3.57 -28.00 -1.17
N VAL C 146 2.62 -28.41 -0.33
CA VAL C 146 2.26 -29.82 -0.28
C VAL C 146 0.93 -30.11 -0.98
N GLU C 147 0.97 -30.85 -2.09
CA GLU C 147 -0.26 -31.29 -2.78
C GLU C 147 -1.05 -32.39 -2.01
N GLY C 148 -2.37 -32.40 -2.16
CA GLY C 148 -3.19 -33.40 -1.48
C GLY C 148 -4.66 -33.26 -1.80
N ARG C 149 -5.54 -33.59 -0.85
CA ARG C 149 -6.96 -33.51 -1.20
C ARG C 149 -7.78 -33.29 0.02
N ILE C 150 -8.99 -32.78 -0.16
CA ILE C 150 -9.84 -32.60 1.01
C ILE C 150 -10.51 -33.97 1.19
N ALA C 151 -10.58 -34.39 2.46
CA ALA C 151 -11.29 -35.61 2.94
C ALA C 151 -12.79 -35.36 2.90
N ASN C 152 -13.62 -36.42 2.97
CA ASN C 152 -15.06 -36.18 3.09
C ASN C 152 -15.46 -35.86 4.51
N GLU C 153 -14.56 -36.03 5.46
CA GLU C 153 -14.88 -35.64 6.83
C GLU C 153 -13.69 -35.10 7.61
N ILE C 154 -14.01 -34.30 8.63
CA ILE C 154 -13.11 -33.81 9.61
C ILE C 154 -12.67 -34.96 10.56
N ARG C 155 -11.35 -35.18 10.67
CA ARG C 155 -10.76 -36.24 11.52
C ARG C 155 -9.48 -35.82 12.26
N GLY C 156 -9.43 -36.10 13.56
CA GLY C 156 -8.20 -35.85 14.31
C GLY C 156 -8.21 -34.44 14.85
N THR C 157 -7.51 -34.20 15.96
CA THR C 157 -7.37 -32.82 16.49
C THR C 157 -5.90 -32.42 16.45
N GLY C 158 -5.14 -33.15 15.64
CA GLY C 158 -3.73 -32.81 15.50
C GLY C 158 -3.56 -31.48 14.75
N GLY C 159 -2.38 -30.91 14.90
CA GLY C 159 -1.98 -29.78 14.06
C GLY C 159 -2.85 -28.58 14.30
N PHE C 160 -3.22 -27.91 13.22
CA PHE C 160 -4.03 -26.73 13.36
C PHE C 160 -4.80 -26.38 12.09
N GLY C 161 -5.63 -25.35 12.18
CA GLY C 161 -6.29 -24.79 11.00
C GLY C 161 -7.03 -25.88 10.28
N TYR C 162 -6.70 -26.06 9.01
CA TYR C 162 -7.35 -26.97 8.12
C TYR C 162 -6.72 -28.35 8.11
N ASP C 163 -5.82 -28.63 9.06
CA ASP C 163 -5.15 -29.95 9.07
C ASP C 163 -6.16 -31.12 9.11
N PRO C 164 -7.18 -31.01 9.98
CA PRO C 164 -8.08 -32.17 10.12
C PRO C 164 -8.87 -32.54 8.88
N PHE C 165 -8.75 -31.88 7.72
CA PHE C 165 -9.46 -32.39 6.51
C PHE C 165 -8.64 -32.40 5.25
N PHE C 166 -7.36 -32.18 5.45
CA PHE C 166 -6.38 -32.23 4.40
C PHE C 166 -5.59 -33.52 4.52
N ILE C 167 -5.53 -34.22 3.39
CA ILE C 167 -4.85 -35.48 3.26
C ILE C 167 -3.77 -35.34 2.20
N PRO C 168 -2.49 -35.31 2.62
CA PRO C 168 -1.40 -35.12 1.66
C PRO C 168 -1.45 -36.25 0.77
N ASP C 169 -1.05 -36.04 -0.49
CA ASP C 169 -0.97 -37.06 -1.47
C ASP C 169 -0.14 -38.23 -0.97
N GLY C 170 -0.67 -39.44 -1.15
CA GLY C 170 0.04 -40.70 -0.89
C GLY C 170 -0.23 -41.24 0.50
N TYR C 171 -1.17 -40.64 1.20
CA TYR C 171 -1.49 -41.01 2.58
C TYR C 171 -2.98 -41.13 2.67
N ASP C 172 -3.50 -41.59 3.80
CA ASP C 172 -4.92 -41.77 3.87
C ASP C 172 -5.43 -41.08 5.09
N LYS C 173 -4.53 -40.35 5.72
CA LYS C 173 -4.88 -39.65 6.95
C LYS C 173 -4.77 -38.13 6.82
N THR C 174 -5.63 -37.44 7.55
CA THR C 174 -5.59 -36.01 7.58
C THR C 174 -4.40 -35.63 8.48
N PHE C 175 -3.84 -34.43 8.29
CA PHE C 175 -2.75 -33.94 9.11
C PHE C 175 -3.34 -33.77 10.51
N GLY C 176 -4.66 -33.74 10.59
CA GLY C 176 -5.32 -33.77 11.89
C GLY C 176 -4.99 -35.08 12.62
N GLU C 177 -4.81 -36.16 11.83
CA GLU C 177 -4.59 -37.52 12.33
C GLU C 177 -3.11 -37.88 12.45
N ILE C 178 -2.28 -37.40 11.50
CA ILE C 178 -0.80 -37.57 11.54
C ILE C 178 0.03 -36.25 11.54
N PRO C 179 -0.10 -35.42 12.60
CA PRO C 179 0.58 -34.12 12.56
C PRO C 179 2.12 -34.20 12.59
N HIS C 180 2.66 -35.34 13.04
CA HIS C 180 4.11 -35.54 13.24
C HIS C 180 4.83 -35.67 11.89
N LEU C 181 4.07 -36.03 10.84
CA LEU C 181 4.59 -36.03 9.45
C LEU C 181 4.72 -34.66 8.74
N LYS C 182 4.06 -33.63 9.30
CA LYS C 182 4.21 -32.24 8.81
C LYS C 182 5.69 -31.83 8.78
N GLU C 183 6.36 -31.99 9.94
CA GLU C 183 7.83 -31.86 10.11
C GLU C 183 8.66 -32.26 8.88
N LYS C 184 8.19 -33.28 8.18
CA LYS C 184 8.91 -33.85 7.04
C LYS C 184 8.39 -33.44 5.69
N ILE C 185 7.06 -33.22 5.55
CA ILE C 185 6.47 -33.16 4.18
C ILE C 185 5.60 -31.92 3.89
N SER C 186 5.27 -31.15 4.94
CA SER C 186 4.41 -29.96 4.79
C SER C 186 5.05 -28.90 3.93
N HIS C 187 4.17 -28.18 3.19
CA HIS C 187 4.47 -26.87 2.54
C HIS C 187 5.48 -26.09 3.36
N ARG C 188 5.25 -26.00 4.65
CA ARG C 188 6.06 -25.22 5.58
C ARG C 188 7.50 -25.76 5.77
N SER C 189 7.66 -27.08 5.87
CA SER C 189 8.96 -27.71 6.15
C SER C 189 9.78 -27.64 4.90
N LYS C 190 9.16 -28.01 3.79
CA LYS C 190 9.82 -27.89 2.50
C LYS C 190 10.27 -26.45 2.25
N ALA C 191 9.35 -25.49 2.31
CA ALA C 191 9.72 -24.10 2.03
C ALA C 191 10.78 -23.60 2.98
N PHE C 192 10.59 -23.80 4.30
CA PHE C 192 11.58 -23.31 5.25
C PHE C 192 12.92 -24.03 5.04
N ARG C 193 12.94 -25.33 4.76
CA ARG C 193 14.21 -25.99 4.34
C ARG C 193 14.78 -25.50 3.00
N LYS C 194 13.93 -25.20 2.04
CA LYS C 194 14.37 -24.51 0.83
C LYS C 194 15.09 -23.19 1.18
N LEU C 195 14.57 -22.46 2.16
CA LEU C 195 15.12 -21.18 2.57
C LEU C 195 16.49 -21.33 3.26
N PHE C 196 16.51 -22.23 4.25
CA PHE C 196 17.73 -22.65 4.95
C PHE C 196 18.83 -23.08 3.99
N SER C 197 18.47 -23.99 3.06
CA SER C 197 19.36 -24.47 2.02
C SER C 197 20.04 -23.30 1.35
N VAL C 198 19.24 -22.38 0.83
CA VAL C 198 19.73 -21.20 0.08
C VAL C 198 20.65 -20.31 0.92
N LEU C 199 20.30 -20.12 2.19
CA LEU C 199 21.12 -19.32 3.08
C LEU C 199 22.52 -19.94 3.24
N GLU C 200 22.63 -21.08 3.91
CA GLU C 200 23.91 -21.81 4.06
C GLU C 200 24.59 -22.27 2.75
N LYS C 201 24.40 -21.49 1.68
CA LYS C 201 25.34 -21.46 0.57
C LYS C 201 26.10 -20.15 0.69
N ILE C 202 25.35 -19.06 0.88
CA ILE C 202 25.90 -17.69 0.78
C ILE C 202 26.66 -17.23 2.05
N LEU C 203 25.94 -17.20 3.18
CA LEU C 203 26.53 -16.87 4.46
C LEU C 203 27.74 -17.76 4.81
N LYS D 15 -23.32 17.75 20.36
CA LYS D 15 -23.89 17.05 19.20
C LYS D 15 -22.88 16.02 18.68
N LEU D 16 -21.85 16.52 17.98
CA LEU D 16 -20.89 15.65 17.31
C LEU D 16 -19.51 15.65 17.97
N THR D 17 -19.22 14.64 18.79
CA THR D 17 -17.84 14.39 19.22
C THR D 17 -17.04 13.85 18.03
N VAL D 18 -15.74 14.15 18.00
CA VAL D 18 -14.78 13.63 16.98
C VAL D 18 -13.34 13.49 17.55
N TYR D 19 -12.62 12.40 17.26
CA TYR D 19 -11.17 12.32 17.61
C TYR D 19 -10.22 12.87 16.50
N LEU D 20 -9.01 13.28 16.89
CA LEU D 20 -8.03 13.77 15.93
C LEU D 20 -6.98 12.74 15.66
N ALA D 21 -6.86 12.37 14.39
CA ALA D 21 -5.99 11.28 13.96
C ALA D 21 -4.54 11.75 13.78
N THR D 22 -3.93 12.15 14.88
CA THR D 22 -2.61 12.77 14.79
C THR D 22 -1.84 12.62 16.05
N THR D 23 -0.54 12.75 15.89
CA THR D 23 0.41 12.78 16.97
C THR D 23 0.99 14.20 17.19
N ASN D 24 0.48 15.21 16.47
CA ASN D 24 1.03 16.58 16.56
C ASN D 24 0.29 17.53 17.54
N PRO D 25 0.91 17.87 18.69
CA PRO D 25 0.25 18.75 19.69
C PRO D 25 -0.17 20.08 19.11
N HIS D 26 0.71 20.63 18.25
CA HIS D 26 0.55 21.96 17.71
C HIS D 26 -0.68 21.98 16.80
N LYS D 27 -0.85 20.88 16.05
CA LYS D 27 -2.00 20.74 15.16
C LYS D 27 -3.26 20.60 16.02
N VAL D 28 -3.16 19.81 17.10
CA VAL D 28 -4.30 19.63 18.05
C VAL D 28 -4.75 20.96 18.67
N GLU D 29 -3.79 21.71 19.19
CA GLU D 29 -4.07 23.07 19.65
C GLU D 29 -4.76 23.89 18.56
N GLU D 30 -4.13 23.98 17.39
CA GLU D 30 -4.66 24.85 16.33
C GLU D 30 -6.06 24.43 15.84
N ILE D 31 -6.31 23.13 15.74
CA ILE D 31 -7.65 22.70 15.32
C ILE D 31 -8.61 22.89 16.50
N LYS D 32 -8.14 22.63 17.74
CA LYS D 32 -9.00 22.83 18.93
C LYS D 32 -9.58 24.24 19.00
N MET D 33 -8.77 25.24 18.67
CA MET D 33 -9.19 26.62 18.86
C MET D 33 -10.21 27.13 17.83
N ILE D 34 -10.36 26.42 16.71
CA ILE D 34 -11.32 26.89 15.70
C ILE D 34 -12.59 26.03 15.63
N ALA D 35 -12.67 25.03 16.49
CA ALA D 35 -13.85 24.16 16.58
C ALA D 35 -15.15 24.97 16.47
N PRO D 36 -16.16 24.46 15.73
CA PRO D 36 -17.46 25.16 15.86
C PRO D 36 -18.18 24.70 17.16
N GLU D 37 -19.19 25.46 17.58
CA GLU D 37 -19.89 25.24 18.88
C GLU D 37 -20.54 23.86 18.94
N TRP D 38 -21.04 23.38 17.80
CA TRP D 38 -21.67 22.07 17.69
C TRP D 38 -20.75 20.85 17.60
N MET D 39 -19.45 21.08 17.76
CA MET D 39 -18.50 19.99 17.66
C MET D 39 -17.60 19.89 18.87
N GLU D 40 -17.48 18.68 19.40
CA GLU D 40 -16.50 18.40 20.41
C GLU D 40 -15.31 17.79 19.69
N ILE D 41 -14.12 18.29 20.01
CA ILE D 41 -12.86 17.82 19.40
C ILE D 41 -11.88 17.36 20.46
N LEU D 42 -11.54 16.07 20.43
CA LEU D 42 -10.64 15.44 21.40
C LEU D 42 -9.37 14.88 20.78
N PRO D 43 -8.25 14.82 21.53
CA PRO D 43 -7.16 14.05 20.92
C PRO D 43 -7.55 12.58 20.95
N SER D 44 -6.98 11.78 20.05
CA SER D 44 -7.29 10.34 20.04
C SER D 44 -6.76 9.65 21.31
N PRO D 45 -7.45 8.59 21.79
CA PRO D 45 -6.92 7.89 22.96
C PRO D 45 -5.76 6.94 22.64
N GLU D 46 -5.49 6.62 21.36
CA GLU D 46 -4.33 5.77 20.91
C GLU D 46 -3.24 6.50 20.08
N LYS D 47 -1.95 6.12 20.25
CA LYS D 47 -0.83 6.65 19.46
C LYS D 47 -0.48 5.76 18.23
N ILE D 48 -1.47 5.55 17.34
CA ILE D 48 -1.36 4.62 16.19
C ILE D 48 -0.36 5.02 15.09
N GLU D 49 0.51 4.08 14.70
CA GLU D 49 1.46 4.32 13.60
C GLU D 49 0.76 4.16 12.23
N VAL D 50 0.82 5.21 11.41
CA VAL D 50 0.36 5.19 10.00
C VAL D 50 1.57 5.48 9.10
N VAL D 51 1.85 4.60 8.14
CA VAL D 51 2.90 4.89 7.14
C VAL D 51 2.35 5.87 6.06
N GLU D 52 2.88 7.10 6.09
CA GLU D 52 2.53 8.23 5.21
C GLU D 52 3.28 8.13 3.90
N ASP D 53 2.81 7.22 3.05
CA ASP D 53 3.47 6.89 1.81
C ASP D 53 2.70 7.41 0.64
N GLY D 54 1.72 8.28 0.91
CA GLY D 54 0.99 8.97 -0.13
C GLY D 54 1.89 9.91 -0.97
N GLU D 55 1.49 10.12 -2.21
CA GLU D 55 2.14 11.07 -3.11
C GLU D 55 1.68 12.49 -2.87
N THR D 56 0.55 12.66 -2.18
CA THR D 56 -0.14 13.97 -2.09
C THR D 56 -0.62 14.13 -0.65
N PHE D 57 -0.89 15.37 -0.24
CA PHE D 57 -1.46 15.59 1.13
C PHE D 57 -2.83 14.93 1.29
N LEU D 58 -3.68 15.03 0.30
CA LEU D 58 -4.95 14.31 0.34
C LEU D 58 -4.78 12.77 0.59
N GLU D 59 -3.93 12.10 -0.19
CA GLU D 59 -3.76 10.66 0.05
C GLU D 59 -3.36 10.32 1.49
N ASN D 60 -2.38 11.04 2.00
CA ASN D 60 -1.96 10.86 3.38
C ASN D 60 -3.06 11.20 4.39
N SER D 61 -3.75 12.31 4.18
CA SER D 61 -4.86 12.70 5.08
C SER D 61 -5.89 11.55 5.19
N VAL D 62 -6.36 11.15 4.02
CA VAL D 62 -7.38 10.14 3.86
C VAL D 62 -6.91 8.87 4.53
N LYS D 63 -5.65 8.53 4.37
CA LYS D 63 -5.14 7.28 4.90
C LYS D 63 -5.02 7.30 6.42
N LYS D 64 -4.61 8.44 6.99
CA LYS D 64 -4.58 8.54 8.45
C LYS D 64 -6.00 8.44 9.00
N ALA D 65 -6.95 9.10 8.34
CA ALA D 65 -8.32 9.10 8.82
C ALA D 65 -8.95 7.68 8.78
N VAL D 66 -8.60 6.88 7.79
CA VAL D 66 -9.17 5.56 7.69
C VAL D 66 -8.51 4.67 8.72
N VAL D 67 -7.19 4.76 8.86
CA VAL D 67 -6.51 3.87 9.78
C VAL D 67 -6.94 4.16 11.25
N TYR D 68 -6.98 5.44 11.61
CA TYR D 68 -7.46 5.88 12.91
C TYR D 68 -8.92 5.53 13.12
N GLY D 69 -9.78 5.79 12.12
CA GLY D 69 -11.22 5.58 12.29
C GLY D 69 -11.59 4.11 12.52
N LYS D 70 -10.79 3.20 11.94
CA LYS D 70 -10.99 1.74 12.02
C LYS D 70 -10.50 1.17 13.34
N LYS D 71 -9.27 1.50 13.77
CA LYS D 71 -8.82 1.12 15.13
C LYS D 71 -9.58 1.77 16.30
N LEU D 72 -10.27 2.89 16.09
CA LEU D 72 -10.98 3.57 17.20
C LEU D 72 -12.49 3.37 17.25
N LYS D 73 -13.10 3.14 16.08
CA LYS D 73 -14.52 2.89 15.89
C LYS D 73 -15.45 4.05 16.25
N HIS D 74 -14.94 5.27 16.05
CA HIS D 74 -15.56 6.56 16.38
C HIS D 74 -15.21 7.58 15.25
N PRO D 75 -16.06 8.58 14.98
CA PRO D 75 -15.64 9.56 13.93
C PRO D 75 -14.24 10.15 14.21
N VAL D 76 -13.44 10.36 13.16
CA VAL D 76 -12.11 10.99 13.31
C VAL D 76 -11.94 12.16 12.35
N MET D 77 -11.03 13.08 12.66
CA MET D 77 -10.55 14.04 11.65
C MET D 77 -9.04 13.86 11.56
N ALA D 78 -8.50 13.96 10.34
CA ALA D 78 -7.08 13.93 10.14
C ALA D 78 -6.63 15.14 9.32
N ASP D 79 -5.36 15.50 9.51
CA ASP D 79 -4.72 16.57 8.79
C ASP D 79 -3.41 16.07 8.18
N ASP D 80 -3.21 16.32 6.90
CA ASP D 80 -1.84 16.18 6.36
C ASP D 80 -1.51 17.51 5.68
N SER D 81 -0.30 17.97 5.89
CA SER D 81 0.02 19.38 5.69
C SER D 81 1.49 19.45 5.32
N GLY D 82 1.86 20.52 4.63
CA GLY D 82 3.29 20.75 4.42
C GLY D 82 3.52 22.07 3.76
N LEU D 83 4.81 22.36 3.58
CA LEU D 83 5.34 23.52 2.89
C LEU D 83 5.72 23.16 1.45
N VAL D 84 5.34 24.00 0.52
CA VAL D 84 5.57 23.75 -0.92
C VAL D 84 6.24 24.99 -1.51
N ILE D 85 7.47 24.86 -1.99
CA ILE D 85 8.19 26.03 -2.49
C ILE D 85 8.36 25.85 -3.97
N TYR D 86 7.73 26.72 -4.74
CA TYR D 86 7.54 26.49 -6.17
C TYR D 86 8.81 26.38 -6.92
N SER D 87 9.81 27.15 -6.49
CA SER D 87 11.01 27.21 -7.33
C SER D 87 11.89 25.99 -7.11
N LEU D 88 11.68 25.32 -5.97
CA LEU D 88 12.28 24.02 -5.66
C LEU D 88 11.42 22.81 -6.01
N GLY D 89 10.59 22.93 -7.00
CA GLY D 89 9.77 21.80 -7.41
C GLY D 89 8.67 21.40 -6.43
N GLY D 90 8.32 22.29 -5.51
CA GLY D 90 7.31 21.93 -4.52
C GLY D 90 7.86 21.26 -3.27
N PHE D 91 9.16 21.12 -3.21
CA PHE D 91 9.87 20.70 -2.02
C PHE D 91 9.63 21.66 -0.82
N PRO D 92 9.67 21.18 0.45
CA PRO D 92 9.76 19.79 0.89
C PRO D 92 8.43 19.02 0.70
N GLY D 93 7.28 19.67 0.64
CA GLY D 93 6.05 18.94 0.22
C GLY D 93 5.59 17.89 1.23
N VAL D 94 5.34 16.70 0.73
CA VAL D 94 4.93 15.63 1.65
C VAL D 94 6.13 15.17 2.45
N MET D 95 7.33 15.66 2.16
CA MET D 95 8.54 15.35 2.95
C MET D 95 8.82 16.41 4.02
N SER D 96 7.86 17.24 4.33
CA SER D 96 8.09 18.42 5.15
C SER D 96 8.68 18.01 6.52
N ALA D 97 8.08 16.99 7.16
CA ALA D 97 8.57 16.40 8.44
C ALA D 97 9.76 15.45 8.30
N ARG D 98 9.76 14.62 7.25
CA ARG D 98 10.82 13.63 7.09
C ARG D 98 12.21 14.24 6.66
N PHE D 99 12.14 15.34 5.90
CA PHE D 99 13.34 16.08 5.56
C PHE D 99 14.19 16.44 6.79
N MET D 100 15.45 16.01 6.75
CA MET D 100 16.36 16.17 7.88
C MET D 100 15.64 15.96 9.21
N GLU D 101 14.99 14.81 9.38
CA GLU D 101 14.07 14.71 10.54
C GLU D 101 14.75 14.74 11.93
N GLU D 102 16.00 14.29 12.01
CA GLU D 102 16.75 14.30 13.29
C GLU D 102 17.13 15.72 13.71
N HIS D 103 16.98 16.70 12.81
CA HIS D 103 17.44 18.08 13.08
C HIS D 103 16.29 19.01 13.50
N SER D 104 16.63 20.08 14.19
CA SER D 104 15.61 21.08 14.55
C SER D 104 15.11 21.79 13.28
N TYR D 105 14.02 22.52 13.43
CA TYR D 105 13.41 23.25 12.34
C TYR D 105 14.28 24.45 12.00
N LYS D 106 14.92 24.98 13.03
CA LYS D 106 15.95 25.98 12.77
C LYS D 106 16.95 25.48 11.73
N GLU D 107 17.43 24.25 11.91
CA GLU D 107 18.50 23.75 11.05
C GLU D 107 17.91 23.50 9.65
N LYS D 108 16.68 23.04 9.63
CA LYS D 108 15.97 22.72 8.40
C LYS D 108 15.79 24.00 7.65
N MET D 109 15.29 25.02 8.36
CA MET D 109 15.09 26.34 7.75
C MET D 109 16.39 26.94 7.23
N ARG D 110 17.48 26.73 7.99
CA ARG D 110 18.76 27.22 7.50
C ARG D 110 19.14 26.58 6.18
N THR D 111 18.98 25.25 6.08
CA THR D 111 19.46 24.57 4.91
C THR D 111 18.62 24.97 3.67
N ILE D 112 17.32 25.09 3.86
CA ILE D 112 16.40 25.56 2.81
C ILE D 112 16.68 27.03 2.39
N LEU D 113 17.01 27.90 3.34
CA LEU D 113 17.51 29.25 2.92
C LEU D 113 18.66 29.21 1.92
N LYS D 114 19.61 28.30 2.13
CA LYS D 114 20.72 28.22 1.20
C LYS D 114 20.22 27.77 -0.16
N MET D 115 19.29 26.81 -0.17
CA MET D 115 18.75 26.25 -1.42
C MET D 115 18.12 27.34 -2.27
N LEU D 116 17.50 28.27 -1.60
CA LEU D 116 16.76 29.35 -2.20
C LEU D 116 17.60 30.57 -2.64
N GLU D 117 18.88 30.66 -2.29
CA GLU D 117 19.60 31.87 -2.70
C GLU D 117 19.51 32.18 -4.18
N GLY D 118 19.10 33.41 -4.49
CA GLY D 118 18.88 33.80 -5.86
C GLY D 118 17.61 33.26 -6.57
N LYS D 119 16.78 32.45 -5.90
CA LYS D 119 15.60 31.88 -6.55
C LYS D 119 14.30 32.64 -6.14
N ASP D 120 13.30 32.63 -7.00
CA ASP D 120 11.91 33.05 -6.63
C ASP D 120 11.50 32.40 -5.29
N ARG D 121 10.94 33.17 -4.37
CA ARG D 121 10.75 32.74 -2.97
C ARG D 121 9.29 32.34 -2.66
N ARG D 122 8.47 32.42 -3.68
CA ARG D 122 7.06 32.08 -3.58
C ARG D 122 6.89 30.64 -2.98
N ALA D 123 5.99 30.55 -1.98
CA ALA D 123 5.66 29.27 -1.32
C ALA D 123 4.22 29.23 -0.87
N ALA D 124 3.81 28.07 -0.36
CA ALA D 124 2.49 27.93 0.29
C ALA D 124 2.56 26.86 1.37
N PHE D 125 1.73 27.02 2.41
CA PHE D 125 1.36 25.91 3.28
C PHE D 125 0.08 25.30 2.76
N VAL D 126 -0.04 23.98 2.81
CA VAL D 126 -1.19 23.34 2.19
C VAL D 126 -1.70 22.40 3.23
N CYS D 127 -3.01 22.23 3.32
CA CYS D 127 -3.54 21.35 4.35
C CYS D 127 -4.70 20.60 3.80
N SER D 128 -4.58 19.28 3.89
CA SER D 128 -5.65 18.35 3.53
C SER D 128 -6.30 17.87 4.82
N ALA D 129 -7.57 18.25 4.97
CA ALA D 129 -8.38 18.04 6.15
C ALA D 129 -9.49 17.06 5.80
N THR D 130 -9.56 16.00 6.58
CA THR D 130 -10.42 14.86 6.30
C THR D 130 -11.20 14.42 7.54
N PHE D 131 -12.51 14.24 7.36
CA PHE D 131 -13.39 13.68 8.40
C PHE D 131 -13.77 12.26 7.94
N PHE D 132 -13.65 11.32 8.87
CA PHE D 132 -14.14 9.96 8.68
C PHE D 132 -15.06 9.39 9.80
N ASP D 133 -16.31 9.09 9.43
CA ASP D 133 -17.26 8.36 10.29
C ASP D 133 -17.34 6.88 9.90
N PRO D 134 -16.63 6.01 10.65
CA PRO D 134 -16.46 4.54 10.51
C PRO D 134 -17.74 3.77 10.79
N VAL D 135 -18.76 4.45 11.30
CA VAL D 135 -20.02 3.84 11.68
C VAL D 135 -20.87 3.87 10.44
N GLU D 136 -21.03 5.05 9.84
CA GLU D 136 -21.80 5.17 8.61
C GLU D 136 -20.96 4.94 7.36
N ASN D 137 -19.66 4.91 7.53
CA ASN D 137 -18.74 5.02 6.37
C ASN D 137 -18.85 6.27 5.48
N THR D 138 -18.82 7.43 6.13
CA THR D 138 -18.87 8.68 5.43
C THR D 138 -17.44 9.27 5.51
N LEU D 139 -16.92 9.66 4.35
CA LEU D 139 -15.57 10.27 4.34
C LEU D 139 -15.61 11.56 3.52
N ILE D 140 -15.18 12.65 4.16
CA ILE D 140 -15.16 13.98 3.52
C ILE D 140 -13.71 14.53 3.56
N SER D 141 -13.13 14.88 2.41
CA SER D 141 -11.77 15.42 2.47
C SER D 141 -11.69 16.69 1.66
N VAL D 142 -11.14 17.75 2.26
CA VAL D 142 -11.03 19.02 1.57
C VAL D 142 -9.66 19.66 1.78
N GLU D 143 -9.31 20.57 0.87
CA GLU D 143 -7.99 21.13 0.92
C GLU D 143 -7.96 22.65 0.72
N ASP D 144 -7.05 23.27 1.44
CA ASP D 144 -6.79 24.67 1.28
C ASP D 144 -5.33 24.98 1.57
N ARG D 145 -4.98 26.24 1.35
CA ARG D 145 -3.58 26.67 1.36
C ARG D 145 -3.49 28.14 1.71
N VAL D 146 -2.31 28.58 2.13
CA VAL D 146 -2.10 30.02 2.21
C VAL D 146 -0.90 30.26 1.35
N GLU D 147 -1.04 31.11 0.33
CA GLU D 147 0.12 31.52 -0.49
C GLU D 147 0.92 32.60 0.25
N GLY D 148 2.21 32.66 -0.06
CA GLY D 148 3.10 33.51 0.71
C GLY D 148 4.47 33.40 0.17
N ARG D 149 5.47 33.52 1.02
CA ARG D 149 6.83 33.44 0.47
C ARG D 149 7.79 33.14 1.55
N ILE D 150 8.98 32.65 1.21
CA ILE D 150 9.97 32.38 2.23
C ILE D 150 10.73 33.65 2.58
N ALA D 151 10.71 33.99 3.87
CA ALA D 151 11.52 35.06 4.43
C ALA D 151 13.00 34.88 4.09
N ASN D 152 13.81 35.93 4.21
CA ASN D 152 15.25 35.85 3.93
C ASN D 152 15.97 35.36 5.14
N GLU D 153 15.29 35.36 6.29
CA GLU D 153 15.89 34.88 7.50
C GLU D 153 14.80 34.27 8.38
N ILE D 154 15.24 33.49 9.36
CA ILE D 154 14.37 32.93 10.42
C ILE D 154 13.91 34.00 11.45
N ARG D 155 12.60 34.29 11.54
CA ARG D 155 12.15 35.23 12.58
C ARG D 155 11.01 34.75 13.47
N GLY D 156 11.23 34.87 14.78
CA GLY D 156 10.18 34.60 15.77
C GLY D 156 10.32 33.21 16.31
N THR D 157 9.40 32.85 17.20
CA THR D 157 9.40 31.54 17.81
C THR D 157 7.97 31.08 17.93
N GLY D 158 7.03 31.91 17.52
CA GLY D 158 5.62 31.53 17.51
C GLY D 158 5.41 30.32 16.63
N GLY D 159 4.29 29.65 16.88
CA GLY D 159 3.85 28.49 16.09
C GLY D 159 4.71 27.24 16.22
N PHE D 160 5.12 26.71 15.07
CA PHE D 160 5.86 25.47 15.00
C PHE D 160 6.32 25.24 13.57
N GLY D 161 7.19 24.26 13.37
CA GLY D 161 7.65 23.89 12.04
C GLY D 161 8.28 25.05 11.29
N TYR D 162 7.81 25.29 10.06
CA TYR D 162 8.46 26.21 9.16
C TYR D 162 7.97 27.65 9.41
N ASP D 163 7.01 27.83 10.32
CA ASP D 163 6.40 29.14 10.64
C ASP D 163 7.39 30.33 10.76
N PRO D 164 8.57 30.12 11.39
CA PRO D 164 9.50 31.23 11.56
C PRO D 164 10.06 31.80 10.25
N PHE D 165 10.01 31.08 9.12
CA PHE D 165 10.46 31.73 7.84
C PHE D 165 9.42 31.83 6.74
N PHE D 166 8.16 31.73 7.14
CA PHE D 166 7.09 31.85 6.16
C PHE D 166 6.30 33.12 6.37
N ILE D 167 6.12 33.89 5.32
CA ILE D 167 5.45 35.18 5.37
C ILE D 167 4.20 35.05 4.52
N PRO D 168 3.01 35.10 5.14
CA PRO D 168 1.78 35.06 4.33
C PRO D 168 1.59 36.30 3.45
N ASP D 169 1.00 36.07 2.28
CA ASP D 169 0.76 37.12 1.31
C ASP D 169 -0.07 38.21 1.98
N GLY D 170 0.30 39.46 1.72
CA GLY D 170 -0.35 40.60 2.38
C GLY D 170 0.25 40.97 3.73
N TYR D 171 1.42 40.42 4.06
CA TYR D 171 2.06 40.74 5.33
C TYR D 171 3.55 40.76 5.15
N ASP D 172 4.26 41.10 6.22
CA ASP D 172 5.71 41.24 6.20
C ASP D 172 6.35 40.70 7.43
N LYS D 173 5.53 40.15 8.31
CA LYS D 173 6.07 39.31 9.37
C LYS D 173 5.77 37.81 9.09
N THR D 174 6.62 36.94 9.62
CA THR D 174 6.49 35.51 9.43
C THR D 174 5.45 35.01 10.41
N PHE D 175 4.95 33.79 10.24
CA PHE D 175 4.02 33.22 11.22
C PHE D 175 4.70 33.01 12.58
N GLY D 176 6.01 32.82 12.57
CA GLY D 176 6.76 32.68 13.82
C GLY D 176 6.67 34.01 14.60
N GLU D 177 6.57 35.12 13.87
CA GLU D 177 6.48 36.46 14.48
C GLU D 177 5.05 36.74 14.94
N ILE D 178 4.07 36.51 14.05
CA ILE D 178 2.66 36.82 14.33
C ILE D 178 1.73 35.58 14.30
N PRO D 179 1.89 34.65 15.27
CA PRO D 179 1.21 33.35 15.23
C PRO D 179 -0.32 33.42 15.30
N HIS D 180 -0.87 34.25 16.18
CA HIS D 180 -2.34 34.53 16.24
C HIS D 180 -2.97 34.64 14.85
N LEU D 181 -2.20 35.14 13.88
CA LEU D 181 -2.77 35.29 12.55
C LEU D 181 -3.12 33.93 11.87
N LYS D 182 -2.41 32.88 12.27
CA LYS D 182 -2.77 31.52 11.82
C LYS D 182 -4.25 31.19 12.02
N GLU D 183 -4.75 31.41 13.24
CA GLU D 183 -6.17 31.27 13.61
C GLU D 183 -7.07 31.76 12.47
N LYS D 184 -6.66 32.80 11.76
CA LYS D 184 -7.51 33.44 10.75
C LYS D 184 -7.24 33.11 9.26
N ILE D 185 -5.98 32.86 8.88
CA ILE D 185 -5.68 32.78 7.44
C ILE D 185 -4.81 31.58 6.98
N SER D 186 -4.38 30.77 7.93
CA SER D 186 -3.58 29.60 7.60
C SER D 186 -4.25 28.51 6.76
N HIS D 187 -3.45 27.70 6.09
CA HIS D 187 -3.92 26.51 5.39
C HIS D 187 -4.82 25.66 6.29
N ARG D 188 -4.38 25.44 7.51
CA ARG D 188 -5.12 24.61 8.46
C ARG D 188 -6.48 25.24 8.88
N SER D 189 -6.47 26.54 9.19
CA SER D 189 -7.71 27.22 9.55
C SER D 189 -8.71 27.21 8.39
N LYS D 190 -8.23 27.54 7.18
CA LYS D 190 -9.10 27.53 5.99
C LYS D 190 -9.68 26.17 5.57
N ALA D 191 -8.85 25.12 5.60
CA ALA D 191 -9.33 23.78 5.22
C ALA D 191 -10.36 23.21 6.22
N PHE D 192 -10.04 23.33 7.49
CA PHE D 192 -10.92 22.83 8.50
C PHE D 192 -12.26 23.58 8.56
N ARG D 193 -12.27 24.88 8.27
CA ARG D 193 -13.54 25.61 8.21
C ARG D 193 -14.34 25.17 7.00
N LYS D 194 -13.60 24.87 5.93
CA LYS D 194 -14.16 24.42 4.66
C LYS D 194 -14.85 23.08 4.98
N LEU D 195 -14.19 22.28 5.82
CA LEU D 195 -14.76 21.01 6.27
C LEU D 195 -16.05 21.20 7.11
N PHE D 196 -16.02 22.12 8.08
CA PHE D 196 -17.15 22.39 8.95
C PHE D 196 -18.37 22.84 8.15
N SER D 197 -18.17 23.84 7.30
CA SER D 197 -19.18 24.30 6.38
C SER D 197 -19.78 23.15 5.56
N VAL D 198 -18.99 22.11 5.27
CA VAL D 198 -19.54 20.90 4.67
C VAL D 198 -20.36 20.07 5.67
N LEU D 199 -19.83 19.84 6.88
CA LEU D 199 -20.53 19.00 7.84
C LEU D 199 -21.92 19.62 8.13
N GLU D 200 -21.90 20.82 8.72
CA GLU D 200 -23.06 21.69 8.87
C GLU D 200 -24.16 21.57 7.83
N LYS D 201 -23.78 21.67 6.56
CA LYS D 201 -24.76 21.68 5.48
C LYS D 201 -25.41 20.29 5.30
N ILE D 202 -24.72 19.24 5.74
CA ILE D 202 -25.14 17.85 5.52
C ILE D 202 -25.30 17.00 6.79
N LEU D 203 -25.50 17.63 7.93
CA LEU D 203 -25.83 16.89 9.15
C LEU D 203 -26.94 17.59 9.95
#